data_4BKJ
#
_entry.id   4BKJ
#
_cell.length_a   60.074
_cell.length_b   60.074
_cell.length_c   180.575
_cell.angle_alpha   90.00
_cell.angle_beta   90.00
_cell.angle_gamma   90.00
#
_symmetry.space_group_name_H-M   'P 21 21 21'
#
loop_
_entity.id
_entity.type
_entity.pdbx_description
1 polymer 'EPITHELIAL DISCOIDIN DOMAIN-CONTAINING RECEPTOR 1'
2 non-polymer 4-(4-METHYL-PIPERAZIN-1-YLMETHYL)-N-[4-METHYL-3-(4-PYRIDIN-3-YL-PYRIMIDIN-2-YLAMINO)-PHENYL]-BENZAMIDE
3 non-polymer 1,2-ETHANEDIOL
4 water water
#
_entity_poly.entity_id   1
_entity_poly.type   'polypeptide(L)'
_entity_poly.pdbx_seq_one_letter_code
;SMPRVDFPRSRLRFKEKLGEGQFGEVHLCEVDSPQDLVSLDFPLNVRKGHPLLVAVKILRPDATKNARNDFLKEVKIMSR
LKDPNIIRLLGVCVQDDPLCMITDYMENGDLNQFLSAHQLEDKAAEGAPGDGQAAQGPTISYPMLLHVAAQIASGMRYLA
TLNFVHRDLATRNCLVGENFTIKIADFGMSRNLYAGDYYRVQGRAVLPIRWMAWECILMGKFTTASDVWAFGVTLWEVLM
LCRAQPFGQLTDEQVIENAGEFFRDQGRQVYLSRPPACPQGLYELMLRCWSRESEQRPPFSQLHRFLAEDALNTV
;
_entity_poly.pdbx_strand_id   A,B
#
loop_
_chem_comp.id
_chem_comp.type
_chem_comp.name
_chem_comp.formula
EDO non-polymer 1,2-ETHANEDIOL 'C2 H6 O2'
STI non-polymer 4-(4-METHYL-PIPERAZIN-1-YLMETHYL)-N-[4-METHYL-3-(4-PYRIDIN-3-YL-PYRIMIDIN-2-YLAMINO)-PHENYL]-BENZAMIDE 'C29 H31 N7 O'
#
# COMPACT_ATOMS: atom_id res chain seq x y z
N MET A 2 -4.68 -27.12 16.79
CA MET A 2 -6.02 -27.73 16.50
C MET A 2 -6.58 -28.59 17.66
N PRO A 3 -7.74 -28.20 18.23
CA PRO A 3 -8.61 -29.03 19.10
C PRO A 3 -8.78 -30.44 18.54
N ARG A 4 -8.82 -31.45 19.42
CA ARG A 4 -8.84 -32.84 18.99
C ARG A 4 -10.20 -33.31 18.46
N VAL A 5 -11.27 -32.71 18.96
CA VAL A 5 -12.63 -33.08 18.55
C VAL A 5 -13.48 -31.82 18.28
N ASP A 6 -14.35 -31.91 17.28
CA ASP A 6 -15.28 -30.83 16.99
C ASP A 6 -16.37 -30.74 18.06
N PHE A 7 -16.73 -29.52 18.40
CA PHE A 7 -17.97 -29.26 19.14
C PHE A 7 -19.15 -29.74 18.28
N PRO A 8 -20.16 -30.36 18.92
CA PRO A 8 -21.26 -30.88 18.12
C PRO A 8 -22.17 -29.75 17.63
N ARG A 9 -22.13 -29.56 16.33
CA ARG A 9 -22.92 -28.56 15.64
C ARG A 9 -24.42 -28.74 15.88
N SER A 10 -24.83 -30.00 16.08
CA SER A 10 -26.23 -30.36 16.38
C SER A 10 -26.77 -29.79 17.69
N ARG A 11 -25.89 -29.28 18.55
CA ARG A 11 -26.27 -28.69 19.82
C ARG A 11 -26.42 -27.18 19.75
N LEU A 12 -26.06 -26.58 18.61
CA LEU A 12 -26.12 -25.12 18.47
C LEU A 12 -27.50 -24.70 17.95
N ARG A 13 -28.24 -24.01 18.81
CA ARG A 13 -29.59 -23.54 18.50
C ARG A 13 -29.48 -22.08 18.10
N PHE A 14 -29.83 -21.79 16.85
CA PHE A 14 -29.68 -20.44 16.33
C PHE A 14 -30.64 -19.47 17.05
N LYS A 15 -30.10 -18.35 17.52
CA LYS A 15 -30.88 -17.30 18.18
C LYS A 15 -30.92 -15.99 17.40
N GLU A 16 -29.75 -15.55 16.90
CA GLU A 16 -29.64 -14.24 16.31
C GLU A 16 -28.40 -14.14 15.45
N LYS A 17 -28.50 -13.43 14.34
CA LYS A 17 -27.32 -13.05 13.57
C LYS A 17 -26.68 -11.78 14.18
N LEU A 18 -25.42 -11.91 14.61
CA LEU A 18 -24.66 -10.80 15.25
C LEU A 18 -23.81 -9.96 14.30
N GLY A 19 -23.51 -10.49 13.13
CA GLY A 19 -22.63 -9.78 12.23
C GLY A 19 -22.30 -10.57 11.00
N GLU A 20 -21.72 -9.88 10.04
CA GLU A 20 -21.36 -10.47 8.77
C GLU A 20 -20.17 -9.75 8.18
N GLY A 21 -19.46 -10.48 7.35
CA GLY A 21 -18.38 -9.97 6.52
C GLY A 21 -18.37 -10.65 5.17
N GLN A 22 -17.31 -10.40 4.39
CA GLN A 22 -17.16 -10.96 3.05
C GLN A 22 -17.11 -12.49 3.06
N PHE A 23 -16.65 -13.08 4.16
CA PHE A 23 -16.35 -14.52 4.19
C PHE A 23 -17.21 -15.32 5.18
N GLY A 24 -18.15 -14.66 5.85
CA GLY A 24 -19.01 -15.39 6.74
C GLY A 24 -19.85 -14.52 7.64
N GLU A 25 -20.31 -15.12 8.72
CA GLU A 25 -21.21 -14.45 9.66
C GLU A 25 -20.84 -14.86 11.08
N VAL A 26 -21.33 -14.10 12.06
CA VAL A 26 -21.26 -14.50 13.46
C VAL A 26 -22.70 -14.61 13.96
N HIS A 27 -23.01 -15.72 14.62
CA HIS A 27 -24.33 -15.97 15.17
C HIS A 27 -24.29 -16.09 16.68
N LEU A 28 -25.38 -15.68 17.32
CA LEU A 28 -25.61 -15.99 18.72
C LEU A 28 -26.40 -17.30 18.74
N CYS A 29 -25.87 -18.28 19.46
CA CYS A 29 -26.52 -19.58 19.59
C CYS A 29 -26.69 -19.94 21.06
N GLU A 30 -27.71 -20.77 21.34
CA GLU A 30 -27.86 -21.40 22.64
C GLU A 30 -27.35 -22.82 22.47
N VAL A 31 -26.66 -23.33 23.49
CA VAL A 31 -26.22 -24.72 23.48
C VAL A 31 -27.32 -25.56 24.12
N ASP A 32 -27.90 -26.48 23.36
CA ASP A 32 -28.92 -27.38 23.88
C ASP A 32 -28.35 -28.42 24.86
N SER A 33 -29.02 -28.56 26.00
CA SER A 33 -28.67 -29.55 27.04
C SER A 33 -27.15 -29.63 27.31
N PRO A 34 -26.55 -28.50 27.68
CA PRO A 34 -25.10 -28.39 27.80
C PRO A 34 -24.48 -29.25 28.88
N GLN A 35 -25.27 -29.66 29.88
CA GLN A 35 -24.76 -30.53 30.91
C GLN A 35 -24.24 -31.84 30.32
N ASP A 36 -24.81 -32.26 29.19
CA ASP A 36 -24.36 -33.46 28.49
C ASP A 36 -22.94 -33.35 27.97
N LEU A 37 -22.48 -32.11 27.74
CA LEU A 37 -21.20 -31.87 27.05
C LEU A 37 -20.08 -31.52 28.01
N VAL A 38 -20.43 -31.17 29.26
CA VAL A 38 -19.46 -30.76 30.28
C VAL A 38 -18.41 -31.84 30.45
N SER A 39 -17.17 -31.46 30.19
CA SER A 39 -16.06 -32.39 30.13
C SER A 39 -14.75 -31.61 30.14
N LEU A 40 -13.64 -32.32 30.11
CA LEU A 40 -12.32 -31.69 29.96
C LEU A 40 -12.22 -30.90 28.66
N ASP A 41 -12.77 -31.47 27.58
CA ASP A 41 -12.74 -30.83 26.26
C ASP A 41 -13.60 -29.57 26.20
N PHE A 42 -14.81 -29.64 26.78
CA PHE A 42 -15.73 -28.50 26.80
C PHE A 42 -16.16 -28.23 28.25
N PRO A 43 -15.37 -27.43 28.99
CA PRO A 43 -15.63 -27.18 30.40
C PRO A 43 -16.69 -26.09 30.60
N LEU A 44 -17.83 -26.24 29.91
CA LEU A 44 -18.86 -25.21 29.85
C LEU A 44 -19.37 -24.85 31.24
N ASN A 45 -19.54 -23.55 31.47
CA ASN A 45 -20.11 -23.06 32.72
C ASN A 45 -21.63 -23.02 32.61
N VAL A 46 -22.26 -24.13 32.97
CA VAL A 46 -23.70 -24.27 32.87
C VAL A 46 -24.35 -23.72 34.14
N ARG A 47 -25.29 -22.80 33.96
CA ARG A 47 -26.11 -22.31 35.05
C ARG A 47 -27.49 -22.91 34.91
N LYS A 48 -27.81 -23.87 35.79
CA LYS A 48 -29.10 -24.54 35.76
C LYS A 48 -30.23 -23.52 35.76
N GLY A 49 -31.15 -23.66 34.81
CA GLY A 49 -32.32 -22.77 34.71
C GLY A 49 -32.13 -21.59 33.77
N HIS A 50 -30.91 -21.41 33.28
CA HIS A 50 -30.61 -20.32 32.35
C HIS A 50 -29.89 -20.85 31.13
N PRO A 51 -30.22 -20.28 29.96
CA PRO A 51 -29.61 -20.75 28.73
C PRO A 51 -28.12 -20.45 28.66
N LEU A 52 -27.37 -21.37 28.07
CA LEU A 52 -25.95 -21.18 27.83
C LEU A 52 -25.78 -20.59 26.44
N LEU A 53 -25.34 -19.33 26.39
CA LEU A 53 -25.20 -18.63 25.11
C LEU A 53 -23.75 -18.56 24.66
N VAL A 54 -23.56 -18.72 23.37
CA VAL A 54 -22.24 -18.69 22.73
C VAL A 54 -22.28 -17.88 21.44
N ALA A 55 -21.14 -17.32 21.06
CA ALA A 55 -21.00 -16.66 19.78
C ALA A 55 -20.32 -17.66 18.86
N VAL A 56 -20.81 -17.74 17.64
CA VAL A 56 -20.31 -18.71 16.66
C VAL A 56 -19.92 -17.99 15.38
N LYS A 57 -18.64 -18.05 15.02
CA LYS A 57 -18.16 -17.46 13.77
C LYS A 57 -18.11 -18.55 12.73
N ILE A 58 -18.77 -18.31 11.61
CA ILE A 58 -19.00 -19.32 10.59
C ILE A 58 -18.46 -18.88 9.24
N LEU A 59 -17.63 -19.72 8.64
CA LEU A 59 -17.10 -19.47 7.30
C LEU A 59 -18.13 -19.90 6.27
N ARG A 60 -18.40 -19.03 5.29
CA ARG A 60 -19.29 -19.41 4.20
C ARG A 60 -18.83 -20.68 3.49
N PRO A 61 -19.75 -21.61 3.18
CA PRO A 61 -19.30 -22.88 2.56
C PRO A 61 -18.64 -22.71 1.19
N ASP A 62 -18.96 -21.62 0.49
CA ASP A 62 -18.39 -21.33 -0.83
C ASP A 62 -17.16 -20.41 -0.73
N ALA A 63 -16.56 -20.32 0.45
CA ALA A 63 -15.36 -19.51 0.65
C ALA A 63 -14.23 -19.94 -0.27
N THR A 64 -13.42 -18.98 -0.70
CA THR A 64 -12.24 -19.28 -1.51
C THR A 64 -11.19 -20.00 -0.66
N LYS A 65 -10.19 -20.58 -1.34
CA LYS A 65 -9.08 -21.25 -0.66
C LYS A 65 -8.39 -20.31 0.33
N ASN A 66 -8.07 -19.10 -0.14
CA ASN A 66 -7.43 -18.07 0.70
C ASN A 66 -8.26 -17.69 1.92
N ALA A 67 -9.58 -17.59 1.74
CA ALA A 67 -10.49 -17.29 2.86
C ALA A 67 -10.51 -18.43 3.87
N ARG A 68 -10.50 -19.66 3.36
CA ARG A 68 -10.50 -20.85 4.20
C ARG A 68 -9.21 -20.96 5.01
N ASN A 69 -8.07 -20.73 4.36
CA ASN A 69 -6.78 -20.75 5.04
C ASN A 69 -6.68 -19.72 6.16
N ASP A 70 -7.15 -18.50 5.88
CA ASP A 70 -7.16 -17.44 6.88
C ASP A 70 -8.07 -17.81 8.06
N PHE A 71 -9.20 -18.46 7.77
CA PHE A 71 -10.11 -18.89 8.84
C PHE A 71 -9.41 -19.91 9.73
N LEU A 72 -8.73 -20.87 9.11
CA LEU A 72 -8.01 -21.90 9.84
C LEU A 72 -6.82 -21.31 10.59
N LYS A 73 -6.19 -20.28 10.03
CA LYS A 73 -5.13 -19.56 10.74
CA LYS A 73 -5.14 -19.56 10.76
C LYS A 73 -5.70 -18.94 12.02
N GLU A 74 -6.86 -18.31 11.94
CA GLU A 74 -7.54 -17.75 13.13
C GLU A 74 -7.84 -18.86 14.13
N VAL A 75 -8.28 -20.02 13.66
CA VAL A 75 -8.53 -21.15 14.56
C VAL A 75 -7.27 -21.49 15.33
N LYS A 76 -6.16 -21.60 14.61
CA LYS A 76 -4.87 -21.91 15.22
C LYS A 76 -4.47 -20.86 16.24
N ILE A 77 -4.60 -19.58 15.89
CA ILE A 77 -4.28 -18.47 16.81
C ILE A 77 -5.16 -18.56 18.06
N MET A 78 -6.47 -18.67 17.86
CA MET A 78 -7.42 -18.71 18.96
CA MET A 78 -7.40 -18.71 18.98
C MET A 78 -7.18 -19.90 19.90
N SER A 79 -6.76 -21.03 19.32
CA SER A 79 -6.51 -22.24 20.10
CA SER A 79 -6.51 -22.22 20.11
C SER A 79 -5.34 -22.03 21.08
N ARG A 80 -4.45 -21.07 20.79
CA ARG A 80 -3.32 -20.79 21.64
CA ARG A 80 -3.31 -20.79 21.64
C ARG A 80 -3.65 -19.80 22.76
N LEU A 81 -4.61 -18.91 22.51
CA LEU A 81 -4.85 -17.77 23.41
C LEU A 81 -5.59 -18.17 24.68
N LYS A 82 -4.85 -18.19 25.78
CA LYS A 82 -5.33 -18.63 27.09
C LYS A 82 -4.86 -17.63 28.15
N ASP A 83 -5.67 -16.60 28.36
CA ASP A 83 -5.35 -15.51 29.26
C ASP A 83 -6.66 -14.99 29.80
N PRO A 84 -6.70 -14.56 31.07
CA PRO A 84 -7.98 -14.05 31.62
C PRO A 84 -8.52 -12.82 30.87
N ASN A 85 -7.65 -12.09 30.17
CA ASN A 85 -8.07 -10.89 29.48
C ASN A 85 -8.08 -10.98 27.94
N ILE A 86 -8.14 -12.20 27.43
CA ILE A 86 -8.35 -12.45 26.03
C ILE A 86 -9.52 -13.43 25.86
N ILE A 87 -10.36 -13.16 24.88
CA ILE A 87 -11.51 -14.03 24.58
CA ILE A 87 -11.51 -14.02 24.59
C ILE A 87 -11.02 -15.46 24.45
N ARG A 88 -11.80 -16.40 24.97
CA ARG A 88 -11.43 -17.81 24.99
C ARG A 88 -12.20 -18.61 23.94
N LEU A 89 -11.48 -19.39 23.15
CA LEU A 89 -12.08 -20.36 22.25
C LEU A 89 -12.68 -21.52 23.05
N LEU A 90 -13.99 -21.71 22.91
CA LEU A 90 -14.70 -22.81 23.58
C LEU A 90 -14.69 -24.08 22.76
N GLY A 91 -14.70 -23.94 21.44
CA GLY A 91 -14.69 -25.09 20.55
C GLY A 91 -14.69 -24.69 19.09
N VAL A 92 -14.54 -25.70 18.24
CA VAL A 92 -14.53 -25.50 16.79
C VAL A 92 -15.34 -26.60 16.11
N CYS A 93 -15.75 -26.31 14.87
CA CYS A 93 -16.33 -27.31 13.97
C CYS A 93 -15.57 -27.22 12.67
N VAL A 94 -14.57 -28.08 12.49
CA VAL A 94 -13.72 -27.98 11.29
C VAL A 94 -13.60 -29.27 10.45
N GLN A 95 -14.20 -30.38 10.90
CA GLN A 95 -14.16 -31.63 10.14
C GLN A 95 -15.04 -31.57 8.89
N ASP A 96 -16.18 -30.89 9.02
CA ASP A 96 -17.13 -30.70 7.93
C ASP A 96 -17.35 -29.22 7.75
N ASP A 97 -17.85 -28.84 6.58
CA ASP A 97 -18.31 -27.50 6.35
C ASP A 97 -19.71 -27.31 6.90
N PRO A 98 -20.05 -26.08 7.33
CA PRO A 98 -19.21 -24.89 7.36
C PRO A 98 -18.27 -24.87 8.56
N LEU A 99 -17.06 -24.35 8.37
CA LEU A 99 -16.10 -24.23 9.45
C LEU A 99 -16.59 -23.21 10.48
N CYS A 100 -16.46 -23.56 11.76
CA CYS A 100 -16.95 -22.72 12.86
C CYS A 100 -15.93 -22.55 13.97
N MET A 101 -15.91 -21.37 14.60
CA MET A 101 -15.25 -21.13 15.86
C MET A 101 -16.30 -20.67 16.86
N ILE A 102 -16.18 -21.11 18.10
CA ILE A 102 -17.18 -20.80 19.14
C ILE A 102 -16.46 -20.17 20.34
N THR A 103 -16.98 -19.03 20.80
CA THR A 103 -16.53 -18.40 22.04
C THR A 103 -17.71 -18.13 22.97
N ASP A 104 -17.40 -17.72 24.21
CA ASP A 104 -18.47 -17.25 25.10
C ASP A 104 -19.18 -16.06 24.46
N TYR A 105 -20.42 -15.84 24.88
CA TYR A 105 -21.16 -14.63 24.54
C TYR A 105 -21.29 -13.83 25.82
N MET A 106 -20.96 -12.55 25.75
CA MET A 106 -21.05 -11.64 26.89
CA MET A 106 -21.05 -11.63 26.90
C MET A 106 -22.34 -10.82 26.83
N GLU A 107 -23.27 -11.09 27.75
CA GLU A 107 -24.51 -10.32 27.84
C GLU A 107 -24.29 -8.82 28.06
N ASN A 108 -23.17 -8.46 28.70
CA ASN A 108 -22.83 -7.05 28.95
C ASN A 108 -22.33 -6.32 27.70
N GLY A 109 -22.10 -7.06 26.62
CA GLY A 109 -21.74 -6.47 25.34
C GLY A 109 -20.27 -6.07 25.24
N ASP A 110 -19.96 -5.28 24.23
CA ASP A 110 -18.60 -4.77 24.08
C ASP A 110 -18.39 -3.61 25.04
N LEU A 111 -17.13 -3.28 25.27
CA LEU A 111 -16.78 -2.24 26.24
C LEU A 111 -17.32 -0.86 25.86
N ASN A 112 -17.47 -0.58 24.57
CA ASN A 112 -18.08 0.65 24.13
C ASN A 112 -19.55 0.71 24.57
N GLN A 113 -20.29 -0.35 24.28
CA GLN A 113 -21.67 -0.45 24.74
C GLN A 113 -21.80 -0.29 26.25
N PHE A 114 -20.92 -0.97 26.98
CA PHE A 114 -20.95 -0.97 28.44
C PHE A 114 -20.67 0.43 29.03
N LEU A 115 -19.58 1.07 28.61
CA LEU A 115 -19.25 2.42 29.10
C LEU A 115 -20.28 3.47 28.66
N SER A 116 -20.83 3.31 27.45
CA SER A 116 -21.87 4.20 26.94
C SER A 116 -23.12 4.20 27.84
N ALA A 117 -23.38 3.05 28.46
CA ALA A 117 -24.53 2.89 29.36
C ALA A 117 -24.27 3.33 30.81
N HIS A 118 -23.05 3.75 31.13
CA HIS A 118 -22.69 4.20 32.47
C HIS A 118 -22.34 5.67 32.49
N GLN A 119 -22.40 6.28 33.68
CA GLN A 119 -21.89 7.63 33.88
C GLN A 119 -20.81 7.61 34.95
N LEU A 120 -19.95 8.61 34.92
CA LEU A 120 -18.83 8.67 35.86
C LEU A 120 -19.32 9.02 37.26
N GLU A 121 -18.93 8.21 38.23
CA GLU A 121 -19.23 8.50 39.63
C GLU A 121 -18.46 9.76 40.00
N ASP A 122 -19.16 10.76 40.52
CA ASP A 122 -18.53 12.01 40.92
C ASP A 122 -17.80 11.82 42.24
N PRO A 138 -26.60 3.59 35.64
CA PRO A 138 -25.59 3.12 36.59
C PRO A 138 -24.27 3.90 36.50
N THR A 139 -23.50 3.86 37.58
CA THR A 139 -22.23 4.59 37.64
C THR A 139 -21.03 3.68 37.50
N ILE A 140 -19.88 4.26 37.15
CA ILE A 140 -18.62 3.54 37.16
C ILE A 140 -17.60 4.51 37.73
N SER A 141 -16.68 4.00 38.55
CA SER A 141 -15.70 4.85 39.24
C SER A 141 -14.43 5.03 38.44
N TYR A 142 -13.72 6.12 38.72
CA TYR A 142 -12.40 6.33 38.11
C TYR A 142 -11.45 5.14 38.37
N PRO A 143 -11.37 4.62 39.63
CA PRO A 143 -10.54 3.43 39.84
C PRO A 143 -10.97 2.20 39.02
N MET A 144 -12.27 2.01 38.83
CA MET A 144 -12.72 0.94 37.95
C MET A 144 -12.27 1.16 36.49
N LEU A 145 -12.31 2.42 36.03
CA LEU A 145 -11.82 2.74 34.69
C LEU A 145 -10.34 2.36 34.56
N LEU A 146 -9.55 2.61 35.61
CA LEU A 146 -8.14 2.23 35.61
C LEU A 146 -7.96 0.71 35.57
N HIS A 147 -8.82 0.00 36.29
CA HIS A 147 -8.83 -1.46 36.31
C HIS A 147 -9.16 -2.03 34.94
N VAL A 148 -10.13 -1.41 34.25
CA VAL A 148 -10.51 -1.83 32.93
C VAL A 148 -9.31 -1.66 32.02
N ALA A 149 -8.67 -0.49 32.11
CA ALA A 149 -7.52 -0.22 31.25
C ALA A 149 -6.34 -1.14 31.56
N ALA A 150 -6.10 -1.43 32.82
CA ALA A 150 -5.03 -2.33 33.23
C ALA A 150 -5.25 -3.73 32.65
N GLN A 151 -6.50 -4.17 32.65
CA GLN A 151 -6.81 -5.47 32.08
C GLN A 151 -6.50 -5.53 30.60
N ILE A 152 -6.87 -4.48 29.87
CA ILE A 152 -6.58 -4.42 28.46
C ILE A 152 -5.05 -4.45 28.24
N ALA A 153 -4.33 -3.69 29.02
CA ALA A 153 -2.87 -3.70 28.90
C ALA A 153 -2.30 -5.09 29.16
N SER A 154 -2.87 -5.80 30.13
CA SER A 154 -2.40 -7.13 30.47
C SER A 154 -2.66 -8.14 29.35
N GLY A 155 -3.85 -8.09 28.77
CA GLY A 155 -4.14 -8.91 27.60
C GLY A 155 -3.22 -8.62 26.44
N MET A 156 -2.91 -7.34 26.22
CA MET A 156 -2.04 -6.92 25.12
C MET A 156 -0.61 -7.37 25.39
N ARG A 157 -0.17 -7.32 26.66
CA ARG A 157 1.15 -7.84 27.02
C ARG A 157 1.26 -9.32 26.62
N TYR A 158 0.23 -10.09 26.94
CA TYR A 158 0.16 -11.49 26.61
C TYR A 158 0.22 -11.73 25.11
N LEU A 159 -0.58 -10.98 24.34
CA LEU A 159 -0.54 -11.12 22.88
C LEU A 159 0.83 -10.80 22.31
N ALA A 160 1.41 -9.69 22.74
CA ALA A 160 2.68 -9.24 22.19
C ALA A 160 3.79 -10.22 22.53
N THR A 161 3.76 -10.78 23.73
CA THR A 161 4.79 -11.76 24.10
C THR A 161 4.67 -13.09 23.35
N LEU A 162 3.48 -13.37 22.81
CA LEU A 162 3.31 -14.50 21.92
C LEU A 162 3.58 -14.11 20.44
N ASN A 163 4.09 -12.88 20.24
CA ASN A 163 4.47 -12.33 18.92
C ASN A 163 3.29 -12.11 17.98
N PHE A 164 2.14 -11.80 18.55
CA PHE A 164 0.99 -11.32 17.76
C PHE A 164 0.84 -9.82 17.83
N VAL A 165 0.42 -9.24 16.72
CA VAL A 165 0.04 -7.83 16.62
C VAL A 165 -1.48 -7.85 16.45
N HIS A 166 -2.16 -7.02 17.22
CA HIS A 166 -3.63 -7.00 17.16
C HIS A 166 -4.13 -6.35 15.89
N ARG A 167 -3.70 -5.11 15.67
CA ARG A 167 -4.04 -4.27 14.51
C ARG A 167 -5.37 -3.51 14.57
N ASP A 168 -6.24 -3.84 15.51
CA ASP A 168 -7.56 -3.17 15.64
C ASP A 168 -8.00 -3.03 17.09
N LEU A 169 -7.07 -2.66 17.96
CA LEU A 169 -7.44 -2.42 19.35
C LEU A 169 -8.28 -1.16 19.52
N ALA A 170 -9.42 -1.32 20.18
CA ALA A 170 -10.39 -0.25 20.43
C ALA A 170 -11.41 -0.79 21.42
N THR A 171 -12.16 0.09 22.10
CA THR A 171 -13.20 -0.41 23.03
C THR A 171 -14.24 -1.31 22.35
N ARG A 172 -14.56 -1.04 21.10
CA ARG A 172 -15.53 -1.86 20.37
C ARG A 172 -15.10 -3.33 20.22
N ASN A 173 -13.79 -3.60 20.29
CA ASN A 173 -13.26 -4.95 20.18
C ASN A 173 -12.89 -5.59 21.52
N CYS A 174 -13.34 -4.99 22.61
CA CYS A 174 -13.19 -5.59 23.94
C CYS A 174 -14.59 -5.99 24.43
N LEU A 175 -14.69 -7.15 25.06
CA LEU A 175 -15.94 -7.61 25.65
C LEU A 175 -15.90 -7.49 27.16
N VAL A 176 -17.08 -7.25 27.74
CA VAL A 176 -17.21 -7.14 29.19
C VAL A 176 -17.85 -8.41 29.74
N GLY A 177 -17.06 -9.18 30.48
CA GLY A 177 -17.54 -10.36 31.18
C GLY A 177 -18.17 -10.01 32.51
N GLU A 178 -18.17 -10.99 33.41
CA GLU A 178 -18.74 -10.81 34.75
C GLU A 178 -17.70 -10.14 35.64
N ASN A 179 -18.19 -9.48 36.68
CA ASN A 179 -17.39 -8.73 37.64
C ASN A 179 -16.28 -7.91 36.99
N PHE A 180 -16.67 -7.13 35.97
CA PHE A 180 -15.82 -6.15 35.28
C PHE A 180 -14.60 -6.76 34.59
N THR A 181 -14.66 -8.05 34.25
CA THR A 181 -13.58 -8.71 33.56
C THR A 181 -13.64 -8.31 32.10
N ILE A 182 -12.51 -7.90 31.54
CA ILE A 182 -12.42 -7.43 30.17
C ILE A 182 -11.72 -8.48 29.32
N LYS A 183 -12.32 -8.84 28.18
CA LYS A 183 -11.76 -9.82 27.26
C LYS A 183 -11.43 -9.12 25.95
N ILE A 184 -10.14 -9.01 25.59
CA ILE A 184 -9.81 -8.47 24.28
C ILE A 184 -10.25 -9.45 23.20
N ALA A 185 -10.86 -8.93 22.14
CA ALA A 185 -11.28 -9.73 21.00
C ALA A 185 -10.91 -9.03 19.70
N ASP A 186 -11.28 -9.65 18.58
CA ASP A 186 -11.08 -9.02 17.29
C ASP A 186 -12.16 -9.49 16.35
N PHE A 187 -13.13 -8.61 16.12
CA PHE A 187 -14.31 -8.95 15.35
C PHE A 187 -14.20 -8.53 13.89
N GLY A 188 -13.30 -7.61 13.58
CA GLY A 188 -13.21 -7.02 12.24
C GLY A 188 -14.33 -6.04 12.01
N MET A 189 -14.37 -5.46 10.81
CA MET A 189 -15.48 -4.60 10.43
C MET A 189 -16.63 -5.52 10.00
N SER A 190 -17.33 -6.09 10.99
CA SER A 190 -18.44 -7.03 10.75
CA SER A 190 -18.44 -7.01 10.71
C SER A 190 -19.77 -6.53 11.33
N ARG A 191 -19.75 -5.34 11.93
CA ARG A 191 -20.93 -4.79 12.62
C ARG A 191 -21.24 -3.34 12.20
N ASN A 192 -22.46 -3.14 11.70
CA ASN A 192 -22.95 -1.82 11.23
C ASN A 192 -22.74 -0.66 12.21
N LEU A 193 -22.90 -0.94 13.50
CA LEU A 193 -22.82 0.07 14.55
C LEU A 193 -21.52 0.88 14.49
N TYR A 194 -20.43 0.22 14.09
CA TYR A 194 -19.10 0.86 14.09
C TYR A 194 -18.55 1.17 12.70
N ALA A 195 -19.41 1.17 11.67
CA ALA A 195 -18.98 1.48 10.30
C ALA A 195 -18.20 2.81 10.18
N GLY A 196 -18.57 3.80 10.98
CA GLY A 196 -17.90 5.11 10.98
C GLY A 196 -16.50 5.10 11.61
N ASP A 197 -16.12 4.00 12.25
CA ASP A 197 -14.76 3.87 12.81
C ASP A 197 -13.77 3.32 11.79
N TYR A 198 -14.22 3.05 10.56
CA TYR A 198 -13.37 2.48 9.53
C TYR A 198 -13.44 3.30 8.25
N TYR A 199 -12.31 3.38 7.57
CA TYR A 199 -12.15 4.16 6.35
C TYR A 199 -11.93 3.18 5.21
N ARG A 200 -12.61 3.39 4.09
CA ARG A 200 -12.52 2.50 2.92
C ARG A 200 -11.44 2.94 1.94
N ALA A 205 -6.94 -1.19 2.86
CA ALA A 205 -8.32 -1.65 2.71
C ALA A 205 -9.23 -0.89 3.69
N VAL A 206 -10.16 -1.59 4.34
CA VAL A 206 -11.01 -1.02 5.39
C VAL A 206 -10.17 -0.89 6.66
N LEU A 207 -9.92 0.35 7.11
CA LEU A 207 -8.91 0.59 8.15
C LEU A 207 -9.41 1.51 9.27
N PRO A 208 -9.09 1.18 10.53
CA PRO A 208 -9.51 1.99 11.67
C PRO A 208 -8.58 3.19 11.88
N ILE A 209 -8.59 4.11 10.93
CA ILE A 209 -7.57 5.18 10.88
C ILE A 209 -7.46 6.03 12.17
N ARG A 210 -8.57 6.23 12.90
CA ARG A 210 -8.53 7.09 14.09
C ARG A 210 -7.78 6.46 15.27
N TRP A 211 -7.58 5.14 15.19
CA TRP A 211 -6.83 4.37 16.20
C TRP A 211 -5.38 4.04 15.75
N MET A 212 -5.07 4.36 14.51
CA MET A 212 -3.84 3.90 13.88
C MET A 212 -2.69 4.89 14.04
N ALA A 213 -1.53 4.34 14.40
CA ALA A 213 -0.31 5.12 14.49
C ALA A 213 0.05 5.70 13.13
N TRP A 214 0.80 6.78 13.16
CA TRP A 214 1.13 7.46 11.92
C TRP A 214 1.81 6.53 10.91
N GLU A 215 2.72 5.68 11.37
CA GLU A 215 3.41 4.75 10.46
C GLU A 215 2.50 3.65 9.88
N CYS A 216 1.39 3.33 10.55
CA CYS A 216 0.39 2.41 9.97
C CYS A 216 -0.28 3.04 8.77
N ILE A 217 -0.70 4.28 8.94
CA ILE A 217 -1.42 4.99 7.89
C ILE A 217 -0.49 5.27 6.69
N LEU A 218 0.70 5.78 6.97
CA LEU A 218 1.63 6.16 5.90
C LEU A 218 2.35 5.00 5.25
N MET A 219 2.79 4.02 6.05
CA MET A 219 3.65 2.93 5.54
C MET A 219 3.07 1.52 5.68
N GLY A 220 1.90 1.38 6.31
CA GLY A 220 1.29 0.08 6.51
C GLY A 220 2.10 -0.80 7.46
N LYS A 221 2.82 -0.16 8.37
CA LYS A 221 3.65 -0.89 9.34
C LYS A 221 2.84 -1.10 10.61
N PHE A 222 2.50 -2.37 10.89
CA PHE A 222 1.76 -2.73 12.09
C PHE A 222 2.67 -3.53 13.02
N THR A 223 2.79 -3.05 14.25
CA THR A 223 3.69 -3.60 15.24
C THR A 223 3.07 -3.55 16.61
N THR A 224 3.72 -4.15 17.58
CA THR A 224 3.34 -3.94 18.96
C THR A 224 3.36 -2.45 19.32
N ALA A 225 4.37 -1.72 18.82
CA ALA A 225 4.42 -0.28 19.05
C ALA A 225 3.18 0.45 18.49
N SER A 226 2.64 0.01 17.35
CA SER A 226 1.42 0.60 16.87
C SER A 226 0.20 0.12 17.67
N ASP A 227 0.24 -1.12 18.17
CA ASP A 227 -0.77 -1.53 19.15
C ASP A 227 -0.76 -0.63 20.40
N VAL A 228 0.42 -0.18 20.81
CA VAL A 228 0.56 0.72 21.96
C VAL A 228 -0.11 2.07 21.71
N TRP A 229 0.10 2.58 20.51
CA TRP A 229 -0.54 3.80 20.07
C TRP A 229 -2.07 3.64 20.13
N ALA A 230 -2.56 2.54 19.58
CA ALA A 230 -3.99 2.23 19.64
C ALA A 230 -4.47 2.08 21.08
N PHE A 231 -3.64 1.50 21.93
CA PHE A 231 -3.97 1.42 23.34
C PHE A 231 -4.16 2.81 23.96
N GLY A 232 -3.29 3.76 23.60
CA GLY A 232 -3.46 5.15 24.03
C GLY A 232 -4.83 5.69 23.66
N VAL A 233 -5.24 5.48 22.42
CA VAL A 233 -6.54 5.95 21.96
C VAL A 233 -7.67 5.20 22.67
N THR A 234 -7.48 3.91 22.91
CA THR A 234 -8.46 3.11 23.65
C THR A 234 -8.59 3.59 25.11
N LEU A 235 -7.47 3.90 25.74
CA LEU A 235 -7.49 4.48 27.09
C LEU A 235 -8.22 5.82 27.12
N TRP A 236 -7.99 6.63 26.09
CA TRP A 236 -8.69 7.88 25.90
C TRP A 236 -10.19 7.62 25.83
N GLU A 237 -10.61 6.64 25.01
CA GLU A 237 -12.04 6.27 24.97
C GLU A 237 -12.57 5.91 26.33
N VAL A 238 -11.83 5.09 27.06
CA VAL A 238 -12.29 4.64 28.35
C VAL A 238 -12.49 5.83 29.30
N LEU A 239 -11.53 6.74 29.34
CA LEU A 239 -11.62 7.90 30.21
C LEU A 239 -12.67 8.93 29.76
N MET A 240 -13.08 8.85 28.50
CA MET A 240 -14.19 9.63 27.97
C MET A 240 -15.54 8.90 28.11
N LEU A 241 -15.53 7.71 28.73
CA LEU A 241 -16.70 6.84 28.83
C LEU A 241 -17.37 6.65 27.46
N CYS A 242 -16.54 6.55 26.43
CA CYS A 242 -16.96 6.31 25.06
C CYS A 242 -18.00 7.33 24.54
N ARG A 243 -17.91 8.56 25.03
CA ARG A 243 -18.85 9.62 24.65
C ARG A 243 -18.48 10.38 23.39
N ALA A 244 -17.27 10.17 22.85
CA ALA A 244 -16.82 10.96 21.71
C ALA A 244 -15.93 10.12 20.80
N GLN A 245 -16.13 10.18 19.50
CA GLN A 245 -15.21 9.49 18.59
C GLN A 245 -13.86 10.19 18.59
N PRO A 246 -12.75 9.43 18.65
CA PRO A 246 -11.44 10.08 18.55
C PRO A 246 -11.32 10.91 17.28
N PHE A 247 -10.80 12.13 17.42
CA PHE A 247 -10.65 13.08 16.30
C PHE A 247 -11.98 13.45 15.64
N GLY A 248 -13.04 13.47 16.43
CA GLY A 248 -14.37 13.83 15.92
C GLY A 248 -14.44 15.18 15.22
N GLN A 249 -13.47 16.05 15.50
CA GLN A 249 -13.37 17.35 14.84
C GLN A 249 -12.73 17.27 13.44
N LEU A 250 -12.23 16.09 13.07
CA LEU A 250 -11.56 15.88 11.80
C LEU A 250 -12.31 14.89 10.93
N THR A 251 -12.36 15.18 9.63
CA THR A 251 -12.83 14.23 8.64
C THR A 251 -11.82 13.08 8.50
N ASP A 252 -12.23 12.00 7.85
CA ASP A 252 -11.34 10.87 7.62
C ASP A 252 -10.08 11.32 6.87
N GLU A 253 -10.23 12.13 5.82
CA GLU A 253 -9.08 12.57 5.04
CA GLU A 253 -9.09 12.58 5.03
C GLU A 253 -8.16 13.44 5.89
N GLN A 254 -8.75 14.24 6.79
CA GLN A 254 -7.94 15.04 7.73
C GLN A 254 -7.19 14.20 8.78
N VAL A 255 -7.77 13.07 9.17
CA VAL A 255 -7.10 12.13 10.06
C VAL A 255 -5.85 11.59 9.35
N ILE A 256 -5.98 11.24 8.08
CA ILE A 256 -4.85 10.75 7.29
C ILE A 256 -3.79 11.87 7.20
N GLU A 257 -4.24 13.10 7.01
CA GLU A 257 -3.33 14.25 6.96
C GLU A 257 -2.63 14.46 8.31
N ASN A 258 -3.36 14.24 9.40
CA ASN A 258 -2.76 14.32 10.74
C ASN A 258 -1.62 13.33 10.93
N ALA A 259 -1.77 12.13 10.38
CA ALA A 259 -0.68 11.17 10.37
C ALA A 259 0.56 11.72 9.64
N GLY A 260 0.35 12.40 8.52
CA GLY A 260 1.43 13.07 7.82
C GLY A 260 2.13 14.09 8.71
N GLU A 261 1.38 14.75 9.59
CA GLU A 261 1.96 15.77 10.46
C GLU A 261 2.81 15.16 11.58
N PHE A 262 2.41 13.99 12.06
CA PHE A 262 3.27 13.21 12.96
C PHE A 262 4.59 12.88 12.28
N PHE A 263 4.49 12.43 11.03
CA PHE A 263 5.70 12.18 10.26
C PHE A 263 6.56 13.43 10.20
N ARG A 264 5.94 14.56 9.85
CA ARG A 264 6.67 15.81 9.70
C ARG A 264 7.35 16.28 10.99
N ASP A 265 6.69 16.08 12.13
CA ASP A 265 7.29 16.31 13.45
C ASP A 265 7.61 17.78 13.66
N GLN A 266 6.74 18.66 13.17
CA GLN A 266 6.93 20.11 13.26
C GLN A 266 5.94 20.80 14.20
N GLY A 267 5.27 20.00 15.02
CA GLY A 267 4.37 20.48 16.08
C GLY A 267 2.94 20.81 15.67
N ARG A 268 2.58 20.52 14.42
CA ARG A 268 1.22 20.77 13.94
C ARG A 268 0.29 19.59 14.10
N GLN A 269 0.85 18.43 14.44
CA GLN A 269 0.03 17.26 14.67
C GLN A 269 -0.97 17.52 15.80
N VAL A 270 -2.17 16.96 15.65
CA VAL A 270 -3.22 17.10 16.68
C VAL A 270 -3.22 15.86 17.51
N TYR A 271 -3.16 16.08 18.82
CA TYR A 271 -3.29 15.04 19.80
C TYR A 271 -4.70 15.08 20.39
N LEU A 272 -5.21 13.90 20.74
CA LEU A 272 -6.43 13.84 21.51
C LEU A 272 -6.23 14.62 22.80
N SER A 273 -7.24 15.40 23.18
CA SER A 273 -7.18 16.21 24.39
C SER A 273 -7.30 15.36 25.65
N ARG A 274 -6.88 15.93 26.77
CA ARG A 274 -6.94 15.24 28.05
C ARG A 274 -8.39 15.15 28.51
N PRO A 275 -8.88 13.92 28.73
CA PRO A 275 -10.24 13.82 29.25
C PRO A 275 -10.38 14.44 30.63
N PRO A 276 -11.56 15.00 30.95
CA PRO A 276 -11.76 15.64 32.26
C PRO A 276 -11.37 14.76 33.45
N ALA A 277 -11.63 13.46 33.36
CA ALA A 277 -11.35 12.52 34.45
C ALA A 277 -9.89 12.11 34.55
N CYS A 278 -9.09 12.48 33.55
CA CYS A 278 -7.75 11.93 33.42
C CYS A 278 -6.75 12.87 34.08
N PRO A 279 -5.99 12.38 35.07
CA PRO A 279 -4.95 13.24 35.64
C PRO A 279 -3.84 13.48 34.65
N GLN A 280 -3.09 14.56 34.86
CA GLN A 280 -2.00 14.93 33.97
C GLN A 280 -0.99 13.81 33.70
N GLY A 281 -0.60 13.07 34.73
CA GLY A 281 0.38 12.00 34.55
C GLY A 281 -0.10 10.87 33.66
N LEU A 282 -1.38 10.55 33.78
CA LEU A 282 -1.97 9.50 32.96
C LEU A 282 -2.09 10.00 31.51
N TYR A 283 -2.42 11.28 31.36
CA TYR A 283 -2.45 11.89 30.04
C TYR A 283 -1.07 11.85 29.40
N GLU A 284 -0.03 12.11 30.18
CA GLU A 284 1.34 12.05 29.65
C GLU A 284 1.76 10.62 29.28
N LEU A 285 1.22 9.61 29.97
CA LEU A 285 1.37 8.20 29.57
C LEU A 285 0.80 8.02 28.18
N MET A 286 -0.39 8.56 27.97
CA MET A 286 -1.04 8.48 26.68
CA MET A 286 -1.07 8.54 26.68
C MET A 286 -0.19 9.20 25.62
N LEU A 287 0.33 10.37 25.94
CA LEU A 287 1.20 11.09 25.01
C LEU A 287 2.42 10.25 24.64
N ARG A 288 2.97 9.50 25.60
CA ARG A 288 4.11 8.60 25.32
C ARG A 288 3.71 7.45 24.41
N CYS A 289 2.47 6.98 24.51
CA CYS A 289 1.95 5.99 23.56
C CYS A 289 1.91 6.55 22.14
N TRP A 290 1.84 7.88 22.04
CA TRP A 290 1.74 8.55 20.76
C TRP A 290 3.06 9.21 20.35
N SER A 291 4.16 8.72 20.92
CA SER A 291 5.49 9.14 20.50
C SER A 291 5.71 8.89 19.02
N ARG A 292 6.40 9.82 18.36
CA ARG A 292 6.69 9.65 16.95
C ARG A 292 7.48 8.36 16.71
N GLU A 293 8.51 8.13 17.52
CA GLU A 293 9.36 6.95 17.38
C GLU A 293 8.78 5.76 18.14
N SER A 294 8.66 4.63 17.47
CA SER A 294 8.16 3.40 18.07
C SER A 294 8.90 3.06 19.36
N GLU A 295 10.22 3.20 19.32
CA GLU A 295 11.07 2.83 20.47
C GLU A 295 10.84 3.70 21.71
N GLN A 296 10.17 4.84 21.54
CA GLN A 296 9.86 5.68 22.68
C GLN A 296 8.50 5.38 23.29
N ARG A 297 7.73 4.48 22.66
CA ARG A 297 6.41 4.13 23.19
C ARG A 297 6.59 3.07 24.27
N PRO A 298 5.83 3.18 25.37
CA PRO A 298 6.02 2.27 26.47
C PRO A 298 5.54 0.86 26.09
N PRO A 299 6.26 -0.17 26.53
CA PRO A 299 5.76 -1.52 26.31
C PRO A 299 4.53 -1.81 27.15
N PHE A 300 3.80 -2.84 26.77
CA PHE A 300 2.59 -3.16 27.51
C PHE A 300 2.85 -3.57 28.96
N SER A 301 4.02 -4.17 29.23
CA SER A 301 4.44 -4.48 30.60
C SER A 301 4.46 -3.20 31.45
N GLN A 302 5.00 -2.13 30.88
CA GLN A 302 5.06 -0.84 31.57
C GLN A 302 3.72 -0.16 31.69
N LEU A 303 2.91 -0.21 30.62
CA LEU A 303 1.57 0.35 30.63
C LEU A 303 0.74 -0.31 31.72
N HIS A 304 0.80 -1.64 31.78
CA HIS A 304 0.06 -2.33 32.82
C HIS A 304 0.54 -1.93 34.22
N ARG A 305 1.86 -1.90 34.40
CA ARG A 305 2.44 -1.52 35.70
C ARG A 305 2.00 -0.12 36.10
N PHE A 306 2.02 0.83 35.15
CA PHE A 306 1.62 2.21 35.46
C PHE A 306 0.16 2.28 35.89
N LEU A 307 -0.71 1.59 35.16
CA LEU A 307 -2.14 1.56 35.48
C LEU A 307 -2.46 0.84 36.79
N ALA A 308 -1.91 -0.35 36.97
CA ALA A 308 -2.17 -1.16 38.17
C ALA A 308 -1.51 -0.61 39.43
N GLU A 309 -0.40 0.11 39.29
CA GLU A 309 0.34 0.61 40.43
C GLU A 309 0.20 2.12 40.50
N ASP A 310 1.01 2.82 39.71
CA ASP A 310 1.13 4.26 39.80
C ASP A 310 -0.21 5.03 39.77
N ALA A 311 -1.04 4.77 38.77
CA ALA A 311 -2.32 5.48 38.63
C ALA A 311 -3.28 5.11 39.77
N LEU A 312 -3.42 3.81 40.04
CA LEU A 312 -4.30 3.38 41.13
C LEU A 312 -3.81 3.82 42.50
N ASN A 313 -2.48 3.95 42.68
CA ASN A 313 -1.92 4.40 43.93
C ASN A 313 -1.99 5.91 44.14
N THR A 314 -2.48 6.66 43.16
CA THR A 314 -2.50 8.11 43.26
C THR A 314 -3.89 8.69 43.06
N VAL A 315 -4.91 7.88 43.31
CA VAL A 315 -6.29 8.37 43.31
C VAL A 315 -6.49 9.38 44.43
N MET B 2 -7.74 -2.62 -30.46
CA MET B 2 -7.60 -2.11 -31.86
C MET B 2 -7.29 -3.21 -32.88
N PRO B 3 -6.27 -4.07 -32.63
CA PRO B 3 -5.92 -4.91 -33.77
C PRO B 3 -6.96 -5.98 -34.06
N ARG B 4 -7.40 -6.04 -35.31
CA ARG B 4 -8.45 -6.97 -35.73
C ARG B 4 -7.93 -8.40 -35.86
N VAL B 5 -6.66 -8.54 -36.20
CA VAL B 5 -6.05 -9.85 -36.47
C VAL B 5 -4.68 -9.96 -35.80
N ASP B 6 -4.34 -11.17 -35.37
CA ASP B 6 -3.02 -11.44 -34.80
C ASP B 6 -1.92 -11.41 -35.86
N PHE B 7 -0.78 -10.85 -35.47
CA PHE B 7 0.47 -11.05 -36.20
C PHE B 7 0.80 -12.55 -36.20
N PRO B 8 1.30 -13.09 -37.33
CA PRO B 8 1.63 -14.51 -37.33
C PRO B 8 2.88 -14.82 -36.51
N ARG B 9 2.67 -15.51 -35.38
CA ARG B 9 3.76 -15.88 -34.47
C ARG B 9 4.80 -16.77 -35.17
N SER B 10 4.36 -17.52 -36.18
CA SER B 10 5.25 -18.38 -36.98
C SER B 10 6.33 -17.63 -37.77
N ARG B 11 6.18 -16.32 -37.91
CA ARG B 11 7.15 -15.50 -38.63
C ARG B 11 8.21 -14.90 -37.72
N LEU B 12 8.07 -15.07 -36.40
CA LEU B 12 8.99 -14.49 -35.43
C LEU B 12 10.13 -15.45 -35.14
N ARG B 13 11.33 -15.08 -35.60
CA ARG B 13 12.52 -15.90 -35.39
C ARG B 13 13.29 -15.32 -34.20
N PHE B 14 13.43 -16.12 -33.15
CA PHE B 14 14.09 -15.69 -31.93
C PHE B 14 15.60 -15.42 -32.16
N LYS B 15 16.05 -14.23 -31.78
CA LYS B 15 17.46 -13.82 -31.96
C LYS B 15 18.21 -13.53 -30.65
N GLU B 16 17.53 -12.91 -29.68
CA GLU B 16 18.16 -12.54 -28.41
C GLU B 16 17.13 -12.22 -27.34
N LYS B 17 17.42 -12.61 -26.10
CA LYS B 17 16.58 -12.24 -24.98
C LYS B 17 16.96 -10.85 -24.48
N LEU B 18 16.03 -9.90 -24.54
CA LEU B 18 16.26 -8.51 -24.14
C LEU B 18 15.90 -8.19 -22.70
N GLY B 19 15.11 -9.04 -22.07
CA GLY B 19 14.71 -8.80 -20.68
C GLY B 19 13.71 -9.81 -20.16
N GLU B 20 13.50 -9.80 -18.85
CA GLU B 20 12.57 -10.70 -18.19
C GLU B 20 12.01 -10.10 -16.92
N GLY B 21 10.83 -10.57 -16.53
CA GLY B 21 10.20 -10.22 -15.26
C GLY B 21 9.42 -11.38 -14.70
N GLN B 22 8.63 -11.11 -13.66
CA GLN B 22 7.83 -12.14 -12.99
C GLN B 22 6.78 -12.78 -13.92
N PHE B 23 6.34 -12.04 -14.94
CA PHE B 23 5.21 -12.48 -15.76
C PHE B 23 5.57 -12.74 -17.23
N GLY B 24 6.83 -12.60 -17.61
CA GLY B 24 7.23 -12.88 -18.98
C GLY B 24 8.62 -12.43 -19.36
N GLU B 25 8.85 -12.29 -20.66
CA GLU B 25 10.15 -11.89 -21.21
C GLU B 25 9.95 -10.95 -22.38
N VAL B 26 11.01 -10.26 -22.79
CA VAL B 26 11.03 -9.54 -24.07
C VAL B 26 12.15 -10.13 -24.92
N HIS B 27 11.83 -10.43 -26.17
CA HIS B 27 12.78 -11.03 -27.09
C HIS B 27 13.01 -10.11 -28.30
N LEU B 28 14.24 -10.13 -28.81
CA LEU B 28 14.53 -9.55 -30.10
C LEU B 28 14.31 -10.65 -31.12
N CYS B 29 13.46 -10.38 -32.11
CA CYS B 29 13.14 -11.34 -33.15
C CYS B 29 13.38 -10.74 -34.51
N GLU B 30 13.67 -11.60 -35.48
CA GLU B 30 13.66 -11.22 -36.87
C GLU B 30 12.33 -11.71 -37.45
N VAL B 31 11.75 -10.93 -38.34
CA VAL B 31 10.53 -11.33 -39.03
C VAL B 31 10.93 -12.04 -40.31
N ASP B 32 10.55 -13.31 -40.43
CA ASP B 32 10.81 -14.09 -41.64
C ASP B 32 10.02 -13.59 -42.84
N SER B 33 10.69 -13.42 -43.97
CA SER B 33 10.05 -13.04 -45.23
C SER B 33 8.98 -11.96 -45.05
N PRO B 34 9.37 -10.80 -44.50
CA PRO B 34 8.41 -9.76 -44.13
C PRO B 34 7.67 -9.12 -45.30
N GLN B 35 8.23 -9.21 -46.50
CA GLN B 35 7.56 -8.64 -47.68
C GLN B 35 6.20 -9.31 -47.87
N ASP B 36 6.07 -10.56 -47.43
CA ASP B 36 4.80 -11.27 -47.50
C ASP B 36 3.70 -10.64 -46.63
N LEU B 37 4.11 -9.90 -45.58
CA LEU B 37 3.18 -9.39 -44.58
C LEU B 37 2.82 -7.91 -44.76
N VAL B 38 3.60 -7.22 -45.58
CA VAL B 38 3.41 -5.79 -45.82
C VAL B 38 1.99 -5.52 -46.31
N SER B 39 1.27 -4.72 -45.53
CA SER B 39 -0.15 -4.51 -45.74
C SER B 39 -0.60 -3.31 -44.91
N LEU B 40 -1.88 -2.96 -45.02
CA LEU B 40 -2.48 -1.93 -44.16
C LEU B 40 -2.38 -2.32 -42.68
N ASP B 41 -2.60 -3.59 -42.37
CA ASP B 41 -2.53 -4.09 -40.99
C ASP B 41 -1.11 -4.05 -40.43
N PHE B 42 -0.15 -4.48 -41.24
CA PHE B 42 1.26 -4.51 -40.83
C PHE B 42 2.11 -3.76 -41.86
N PRO B 43 2.21 -2.42 -41.70
CA PRO B 43 2.93 -1.60 -42.67
C PRO B 43 4.44 -1.63 -42.46
N LEU B 44 5.01 -2.84 -42.35
CA LEU B 44 6.41 -3.00 -41.97
C LEU B 44 7.34 -2.31 -42.96
N ASN B 45 8.35 -1.63 -42.42
CA ASN B 45 9.38 -1.00 -43.25
C ASN B 45 10.48 -2.01 -43.56
N VAL B 46 10.30 -2.72 -44.67
CA VAL B 46 11.25 -3.75 -45.10
C VAL B 46 12.37 -3.10 -45.89
N ARG B 47 13.60 -3.33 -45.47
CA ARG B 47 14.77 -2.90 -46.21
C ARG B 47 15.38 -4.13 -46.90
N LYS B 48 15.21 -4.21 -48.20
CA LYS B 48 15.74 -5.33 -48.98
C LYS B 48 17.23 -5.54 -48.69
N GLY B 49 17.59 -6.77 -48.33
CA GLY B 49 18.98 -7.12 -48.05
C GLY B 49 19.35 -7.05 -46.58
N HIS B 50 18.45 -6.52 -45.75
CA HIS B 50 18.70 -6.42 -44.31
C HIS B 50 17.54 -7.01 -43.53
N PRO B 51 17.84 -7.69 -42.40
CA PRO B 51 16.80 -8.30 -41.60
C PRO B 51 15.87 -7.26 -40.96
N LEU B 52 14.60 -7.61 -40.84
CA LEU B 52 13.62 -6.78 -40.15
C LEU B 52 13.54 -7.23 -38.70
N LEU B 53 13.98 -6.38 -37.80
CA LEU B 53 14.02 -6.70 -36.39
C LEU B 53 12.88 -6.05 -35.61
N VAL B 54 12.33 -6.81 -34.66
CA VAL B 54 11.24 -6.35 -33.79
C VAL B 54 11.47 -6.79 -32.35
N ALA B 55 10.90 -6.05 -31.41
CA ALA B 55 10.91 -6.45 -30.02
C ALA B 55 9.56 -7.09 -29.73
N VAL B 56 9.59 -8.19 -29.00
CA VAL B 56 8.39 -8.96 -28.70
C VAL B 56 8.26 -9.19 -27.21
N LYS B 57 7.19 -8.68 -26.60
CA LYS B 57 6.94 -8.89 -25.20
C LYS B 57 5.96 -10.05 -25.06
N ILE B 58 6.35 -11.05 -24.27
CA ILE B 58 5.65 -12.35 -24.24
C ILE B 58 5.23 -12.73 -22.82
N LEU B 59 3.92 -12.93 -22.62
CA LEU B 59 3.37 -13.29 -21.30
C LEU B 59 3.57 -14.78 -21.09
N ARG B 60 4.09 -15.15 -19.91
CA ARG B 60 4.27 -16.56 -19.57
C ARG B 60 2.94 -17.31 -19.68
N PRO B 61 2.95 -18.52 -20.28
CA PRO B 61 1.68 -19.25 -20.46
C PRO B 61 0.98 -19.63 -19.14
N ASP B 62 1.74 -19.73 -18.05
CA ASP B 62 1.19 -20.05 -16.74
C ASP B 62 0.87 -18.80 -15.91
N ALA B 63 0.76 -17.65 -16.57
CA ALA B 63 0.45 -16.39 -15.88
C ALA B 63 -0.89 -16.49 -15.15
N THR B 64 -0.99 -15.79 -14.02
CA THR B 64 -2.24 -15.72 -13.26
C THR B 64 -3.26 -14.88 -14.01
N LYS B 65 -4.52 -14.96 -13.58
CA LYS B 65 -5.60 -14.16 -14.17
C LYS B 65 -5.26 -12.68 -14.12
N ASN B 66 -4.82 -12.20 -12.96
CA ASN B 66 -4.44 -10.80 -12.77
C ASN B 66 -3.29 -10.36 -13.68
N ALA B 67 -2.31 -11.23 -13.87
CA ALA B 67 -1.19 -10.95 -14.77
C ALA B 67 -1.67 -10.88 -16.22
N ARG B 68 -2.58 -11.77 -16.58
CA ARG B 68 -3.14 -11.81 -17.93
C ARG B 68 -3.97 -10.56 -18.22
N ASN B 69 -4.82 -10.17 -17.27
CA ASN B 69 -5.62 -8.96 -17.42
C ASN B 69 -4.77 -7.70 -17.60
N ASP B 70 -3.71 -7.59 -16.80
CA ASP B 70 -2.78 -6.46 -16.91
C ASP B 70 -2.07 -6.45 -18.26
N PHE B 71 -1.70 -7.63 -18.76
CA PHE B 71 -1.06 -7.73 -20.07
C PHE B 71 -2.01 -7.23 -21.15
N LEU B 72 -3.27 -7.67 -21.06
CA LEU B 72 -4.28 -7.24 -22.02
C LEU B 72 -4.63 -5.76 -21.89
N LYS B 73 -4.57 -5.23 -20.67
CA LYS B 73 -4.72 -3.80 -20.45
C LYS B 73 -3.62 -3.03 -21.18
N GLU B 74 -2.37 -3.51 -21.07
CA GLU B 74 -1.26 -2.91 -21.81
C GLU B 74 -1.48 -2.98 -23.32
N VAL B 75 -2.00 -4.10 -23.80
CA VAL B 75 -2.32 -4.22 -25.21
C VAL B 75 -3.29 -3.11 -25.63
N LYS B 76 -4.34 -2.93 -24.84
CA LYS B 76 -5.36 -1.90 -25.13
C LYS B 76 -4.73 -0.52 -25.13
N ILE B 77 -3.90 -0.23 -24.15
CA ILE B 77 -3.23 1.08 -24.06
C ILE B 77 -2.33 1.29 -25.28
N MET B 78 -1.49 0.31 -25.57
CA MET B 78 -0.55 0.43 -26.68
CA MET B 78 -0.53 0.40 -26.68
C MET B 78 -1.25 0.58 -28.01
N SER B 79 -2.40 -0.06 -28.17
CA SER B 79 -3.15 0.04 -29.41
C SER B 79 -3.64 1.47 -29.66
N ARG B 80 -3.75 2.27 -28.60
CA ARG B 80 -4.23 3.66 -28.73
C ARG B 80 -3.08 4.63 -29.04
N LEU B 81 -1.87 4.29 -28.62
CA LEU B 81 -0.77 5.26 -28.66
C LEU B 81 -0.16 5.43 -30.05
N LYS B 82 -0.44 6.58 -30.66
CA LYS B 82 -0.05 6.90 -32.02
C LYS B 82 0.50 8.33 -32.04
N ASP B 83 1.81 8.44 -31.84
CA ASP B 83 2.50 9.73 -31.76
C ASP B 83 3.95 9.50 -32.21
N PRO B 84 4.56 10.49 -32.89
CA PRO B 84 5.96 10.29 -33.34
C PRO B 84 6.95 10.05 -32.22
N ASN B 85 6.61 10.47 -31.00
CA ASN B 85 7.50 10.32 -29.87
C ASN B 85 7.07 9.32 -28.81
N ILE B 86 6.19 8.39 -29.22
CA ILE B 86 5.83 7.25 -28.41
C ILE B 86 6.04 5.98 -29.24
N ILE B 87 6.57 4.95 -28.60
CA ILE B 87 6.77 3.66 -29.24
C ILE B 87 5.46 3.19 -29.88
N ARG B 88 5.56 2.58 -31.04
CA ARG B 88 4.39 2.15 -31.81
C ARG B 88 4.20 0.64 -31.73
N LEU B 89 2.98 0.21 -31.40
CA LEU B 89 2.59 -1.20 -31.47
C LEU B 89 2.48 -1.64 -32.94
N LEU B 90 3.29 -2.62 -33.33
CA LEU B 90 3.27 -3.16 -34.71
C LEU B 90 2.24 -4.28 -34.87
N GLY B 91 2.03 -5.03 -33.79
CA GLY B 91 1.10 -6.14 -33.82
C GLY B 91 0.99 -6.84 -32.49
N VAL B 92 0.04 -7.77 -32.41
CA VAL B 92 -0.18 -8.59 -31.23
C VAL B 92 -0.45 -10.03 -31.62
N CYS B 93 -0.26 -10.93 -30.66
CA CYS B 93 -0.70 -12.33 -30.76
C CYS B 93 -1.50 -12.62 -29.50
N VAL B 94 -2.84 -12.52 -29.58
CA VAL B 94 -3.68 -12.67 -28.38
C VAL B 94 -4.81 -13.71 -28.49
N GLN B 95 -4.98 -14.30 -29.67
CA GLN B 95 -6.02 -15.31 -29.90
C GLN B 95 -5.70 -16.59 -29.15
N ASP B 96 -4.42 -16.93 -29.08
CA ASP B 96 -3.96 -18.10 -28.33
C ASP B 96 -2.72 -17.72 -27.51
N ASP B 97 -2.36 -18.61 -26.59
CA ASP B 97 -1.18 -18.42 -25.75
C ASP B 97 0.09 -18.85 -26.50
N PRO B 98 1.23 -18.21 -26.18
CA PRO B 98 1.41 -17.11 -25.23
C PRO B 98 1.01 -15.77 -25.83
N LEU B 99 0.43 -14.90 -25.02
CA LEU B 99 0.05 -13.55 -25.47
C LEU B 99 1.32 -12.75 -25.79
N CYS B 100 1.30 -12.02 -26.91
CA CYS B 100 2.47 -11.24 -27.36
C CYS B 100 2.08 -9.81 -27.78
N MET B 101 2.98 -8.87 -27.53
CA MET B 101 2.95 -7.52 -28.12
C MET B 101 4.24 -7.31 -28.88
N ILE B 102 4.16 -6.69 -30.04
CA ILE B 102 5.31 -6.49 -30.91
C ILE B 102 5.48 -5.01 -31.25
N THR B 103 6.70 -4.50 -31.08
CA THR B 103 7.05 -3.13 -31.47
C THR B 103 8.30 -3.14 -32.34
N ASP B 104 8.63 -2.00 -32.92
CA ASP B 104 9.91 -1.85 -33.60
C ASP B 104 11.06 -2.11 -32.62
N TYR B 105 12.21 -2.51 -33.16
CA TYR B 105 13.44 -2.61 -32.41
C TYR B 105 14.35 -1.50 -32.88
N MET B 106 14.90 -0.74 -31.94
CA MET B 106 15.82 0.34 -32.22
C MET B 106 17.26 -0.10 -32.06
N GLU B 107 18.00 -0.18 -33.19
CA GLU B 107 19.41 -0.55 -33.17
C GLU B 107 20.26 0.39 -32.31
N ASN B 108 19.83 1.64 -32.19
CA ASN B 108 20.56 2.62 -31.39
C ASN B 108 20.36 2.45 -29.88
N GLY B 109 19.43 1.57 -29.47
CA GLY B 109 19.24 1.23 -28.08
C GLY B 109 18.39 2.25 -27.33
N ASP B 110 18.41 2.16 -26.00
CA ASP B 110 17.73 3.14 -25.19
C ASP B 110 18.56 4.42 -25.08
N LEU B 111 17.92 5.50 -24.67
CA LEU B 111 18.55 6.81 -24.64
C LEU B 111 19.73 6.86 -23.67
N ASN B 112 19.69 6.07 -22.60
CA ASN B 112 20.80 5.97 -21.67
C ASN B 112 22.01 5.36 -22.36
N GLN B 113 21.80 4.23 -23.04
CA GLN B 113 22.87 3.60 -23.81
C GLN B 113 23.44 4.57 -24.85
N PHE B 114 22.56 5.26 -25.56
CA PHE B 114 22.95 6.17 -26.63
C PHE B 114 23.80 7.34 -26.10
N LEU B 115 23.29 8.05 -25.09
CA LEU B 115 24.03 9.18 -24.53
C LEU B 115 25.33 8.75 -23.81
N SER B 116 25.32 7.58 -23.17
CA SER B 116 26.52 7.02 -22.54
C SER B 116 27.66 6.80 -23.54
N ALA B 117 27.29 6.48 -24.78
CA ALA B 117 28.26 6.24 -25.86
C ALA B 117 28.73 7.52 -26.56
N HIS B 118 28.17 8.68 -26.19
CA HIS B 118 28.54 9.96 -26.79
C HIS B 118 29.23 10.86 -25.78
N GLN B 119 29.97 11.85 -26.29
CA GLN B 119 30.50 12.91 -25.45
C GLN B 119 29.98 14.24 -25.95
N LEU B 120 29.98 15.22 -25.06
CA LEU B 120 29.45 16.53 -25.39
C LEU B 120 30.40 17.26 -26.31
N GLU B 121 29.86 17.77 -27.42
CA GLU B 121 30.64 18.59 -28.32
C GLU B 121 31.01 19.86 -27.58
N ASP B 122 32.31 20.16 -27.52
CA ASP B 122 32.85 21.26 -26.74
C ASP B 122 32.97 22.54 -27.59
N LYS B 123 32.19 23.56 -27.22
CA LYS B 123 32.19 24.86 -27.91
C LYS B 123 31.58 24.74 -29.31
N GLY B 137 32.78 9.10 -27.58
CA GLY B 137 33.48 8.74 -28.81
C GLY B 137 32.98 9.60 -29.97
N PRO B 138 31.78 9.27 -30.50
CA PRO B 138 31.05 10.25 -31.27
C PRO B 138 30.55 11.37 -30.37
N THR B 139 30.27 12.53 -30.94
CA THR B 139 29.84 13.69 -30.18
C THR B 139 28.35 13.94 -30.34
N ILE B 140 27.77 14.68 -29.39
CA ILE B 140 26.39 15.16 -29.51
C ILE B 140 26.40 16.60 -29.01
N SER B 141 25.62 17.46 -29.67
CA SER B 141 25.65 18.89 -29.37
C SER B 141 24.64 19.26 -28.29
N TYR B 142 24.88 20.37 -27.61
CA TYR B 142 23.87 20.90 -26.71
C TYR B 142 22.50 21.13 -27.38
N PRO B 143 22.45 21.77 -28.57
CA PRO B 143 21.14 21.86 -29.24
C PRO B 143 20.46 20.53 -29.52
N MET B 144 21.24 19.51 -29.88
CA MET B 144 20.65 18.19 -30.08
C MET B 144 20.08 17.65 -28.76
N LEU B 145 20.77 17.90 -27.64
CA LEU B 145 20.26 17.51 -26.33
C LEU B 145 18.90 18.19 -26.03
N LEU B 146 18.77 19.46 -26.39
CA LEU B 146 17.49 20.18 -26.23
C LEU B 146 16.39 19.55 -27.09
N HIS B 147 16.77 19.16 -28.31
CA HIS B 147 15.86 18.52 -29.25
C HIS B 147 15.38 17.18 -28.73
N VAL B 148 16.30 16.41 -28.13
CA VAL B 148 15.96 15.16 -27.50
C VAL B 148 14.94 15.40 -26.38
N ALA B 149 15.24 16.38 -25.53
CA ALA B 149 14.37 16.69 -24.40
C ALA B 149 12.99 17.17 -24.85
N ALA B 150 12.96 18.00 -25.90
CA ALA B 150 11.70 18.52 -26.43
C ALA B 150 10.82 17.38 -26.95
N GLN B 151 11.45 16.41 -27.61
CA GLN B 151 10.72 15.26 -28.09
C GLN B 151 10.10 14.47 -26.95
N ILE B 152 10.87 14.26 -25.89
CA ILE B 152 10.32 13.58 -24.71
C ILE B 152 9.12 14.37 -24.13
N ALA B 153 9.27 15.68 -24.00
CA ALA B 153 8.17 16.52 -23.49
C ALA B 153 6.92 16.41 -24.37
N SER B 154 7.12 16.34 -25.68
CA SER B 154 6.01 16.21 -26.63
C SER B 154 5.28 14.86 -26.50
N GLY B 155 6.04 13.78 -26.38
CA GLY B 155 5.43 12.47 -26.13
C GLY B 155 4.66 12.47 -24.83
N MET B 156 5.23 13.10 -23.80
CA MET B 156 4.58 13.14 -22.50
C MET B 156 3.31 13.99 -22.56
N ARG B 157 3.34 15.08 -23.32
CA ARG B 157 2.13 15.90 -23.53
CA ARG B 157 2.13 15.90 -23.53
C ARG B 157 1.02 15.03 -24.10
N TYR B 158 1.35 14.22 -25.10
CA TYR B 158 0.39 13.32 -25.76
C TYR B 158 -0.16 12.32 -24.76
N LEU B 159 0.70 11.69 -23.98
CA LEU B 159 0.24 10.72 -22.98
C LEU B 159 -0.72 11.36 -21.98
N ALA B 160 -0.34 12.50 -21.44
CA ALA B 160 -1.12 13.14 -20.38
C ALA B 160 -2.45 13.59 -20.90
N THR B 161 -2.49 14.06 -22.14
CA THR B 161 -3.76 14.51 -22.72
C THR B 161 -4.69 13.34 -23.06
N LEU B 162 -4.15 12.12 -23.18
CA LEU B 162 -4.96 10.92 -23.27
C LEU B 162 -5.30 10.36 -21.87
N ASN B 163 -4.93 11.10 -20.83
CA ASN B 163 -5.18 10.76 -19.42
C ASN B 163 -4.47 9.52 -18.93
N PHE B 164 -3.28 9.30 -19.47
CA PHE B 164 -2.34 8.32 -18.94
C PHE B 164 -1.26 8.98 -18.11
N VAL B 165 -0.88 8.28 -17.03
CA VAL B 165 0.27 8.62 -16.22
C VAL B 165 1.31 7.56 -16.54
N HIS B 166 2.53 8.00 -16.81
CA HIS B 166 3.59 7.08 -17.19
C HIS B 166 4.04 6.24 -15.98
N ARG B 167 4.48 6.93 -14.94
CA ARG B 167 4.98 6.36 -13.68
C ARG B 167 6.43 5.90 -13.66
N ASP B 168 7.09 5.80 -14.81
CA ASP B 168 8.50 5.39 -14.86
C ASP B 168 9.26 6.10 -15.99
N LEU B 169 9.04 7.39 -16.13
CA LEU B 169 9.83 8.16 -17.09
C LEU B 169 11.30 8.28 -16.65
N ALA B 170 12.20 7.94 -17.57
CA ALA B 170 13.65 8.02 -17.36
C ALA B 170 14.31 7.75 -18.70
N THR B 171 15.59 8.12 -18.86
CA THR B 171 16.27 7.83 -20.15
C THR B 171 16.30 6.34 -20.51
N ARG B 172 16.40 5.46 -19.52
CA ARG B 172 16.39 4.02 -19.79
C ARG B 172 15.11 3.53 -20.47
N ASN B 173 14.01 4.26 -20.31
CA ASN B 173 12.72 3.90 -20.92
C ASN B 173 12.39 4.68 -22.19
N CYS B 174 13.38 5.39 -22.74
CA CYS B 174 13.23 6.06 -24.02
C CYS B 174 14.11 5.34 -25.02
N LEU B 175 13.61 5.17 -26.24
CA LEU B 175 14.36 4.53 -27.31
C LEU B 175 14.80 5.56 -28.34
N VAL B 176 15.95 5.31 -28.95
CA VAL B 176 16.48 6.20 -29.98
C VAL B 176 16.27 5.57 -31.35
N GLY B 177 15.40 6.20 -32.14
CA GLY B 177 15.17 5.79 -33.52
C GLY B 177 16.18 6.39 -34.48
N GLU B 178 15.78 6.52 -35.74
CA GLU B 178 16.63 7.11 -36.76
C GLU B 178 16.54 8.64 -36.71
N ASN B 179 17.60 9.29 -37.21
CA ASN B 179 17.74 10.74 -37.20
C ASN B 179 17.31 11.39 -35.87
N PHE B 180 17.84 10.84 -34.78
CA PHE B 180 17.65 11.37 -33.43
C PHE B 180 16.20 11.44 -32.96
N THR B 181 15.34 10.61 -33.54
CA THR B 181 13.95 10.53 -33.09
C THR B 181 13.88 9.74 -31.80
N ILE B 182 13.15 10.26 -30.83
CA ILE B 182 13.05 9.63 -29.51
C ILE B 182 11.65 9.06 -29.35
N LYS B 183 11.58 7.82 -28.88
CA LYS B 183 10.31 7.15 -28.65
C LYS B 183 10.19 6.82 -27.17
N ILE B 184 9.25 7.44 -26.48
CA ILE B 184 8.99 7.07 -25.09
C ILE B 184 8.41 5.67 -25.03
N ALA B 185 8.91 4.86 -24.11
CA ALA B 185 8.42 3.50 -23.90
C ALA B 185 8.27 3.24 -22.41
N ASP B 186 7.87 2.02 -22.08
CA ASP B 186 7.79 1.61 -20.68
C ASP B 186 8.05 0.12 -20.62
N PHE B 187 9.25 -0.23 -20.16
CA PHE B 187 9.70 -1.62 -20.17
C PHE B 187 9.52 -2.30 -18.81
N GLY B 188 9.36 -1.52 -17.76
CA GLY B 188 9.32 -2.04 -16.39
C GLY B 188 10.71 -2.42 -15.91
N MET B 189 10.80 -2.92 -14.68
CA MET B 189 12.06 -3.46 -14.19
C MET B 189 12.21 -4.85 -14.77
N SER B 190 12.63 -4.90 -16.05
CA SER B 190 12.81 -6.16 -16.75
C SER B 190 14.25 -6.40 -17.21
N ARG B 191 15.15 -5.45 -16.93
CA ARG B 191 16.51 -5.51 -17.45
C ARG B 191 17.54 -5.32 -16.33
N ASN B 192 18.46 -6.29 -16.20
CA ASN B 192 19.50 -6.28 -15.16
C ASN B 192 20.32 -5.00 -15.10
N LEU B 193 20.62 -4.44 -16.27
CA LEU B 193 21.46 -3.25 -16.40
C LEU B 193 21.00 -2.11 -15.48
N TYR B 194 19.69 -1.98 -15.30
CA TYR B 194 19.10 -0.89 -14.53
C TYR B 194 18.51 -1.30 -13.16
N ALA B 195 18.89 -2.47 -12.66
CA ALA B 195 18.42 -2.94 -11.33
C ALA B 195 18.65 -1.92 -10.20
N GLY B 196 19.76 -1.18 -10.27
CA GLY B 196 20.08 -0.17 -9.26
C GLY B 196 19.22 1.08 -9.32
N ASP B 197 18.40 1.22 -10.37
CA ASP B 197 17.47 2.35 -10.48
C ASP B 197 16.14 2.08 -9.81
N TYR B 198 15.99 0.91 -9.22
CA TYR B 198 14.76 0.52 -8.56
C TYR B 198 15.02 0.06 -7.14
N TYR B 199 14.08 0.37 -6.27
CA TYR B 199 14.14 0.05 -4.86
C TYR B 199 13.08 -1.00 -4.55
N ARG B 200 13.47 -2.04 -3.82
CA ARG B 200 12.58 -3.16 -3.50
C ARG B 200 11.99 -3.03 -2.11
N ALA B 205 6.46 -2.06 -3.36
CA ALA B 205 6.72 -2.43 -4.75
C ALA B 205 8.15 -2.11 -5.17
N VAL B 206 8.55 -2.63 -6.33
CA VAL B 206 9.80 -2.25 -6.98
C VAL B 206 9.60 -0.87 -7.60
N LEU B 207 10.29 0.16 -7.11
CA LEU B 207 9.96 1.53 -7.46
C LEU B 207 11.20 2.35 -7.84
N PRO B 208 11.08 3.20 -8.88
CA PRO B 208 12.18 4.04 -9.34
C PRO B 208 12.32 5.30 -8.49
N ILE B 209 12.67 5.12 -7.22
CA ILE B 209 12.60 6.21 -6.24
C ILE B 209 13.38 7.49 -6.62
N ARG B 210 14.51 7.35 -7.31
CA ARG B 210 15.32 8.53 -7.66
C ARG B 210 14.67 9.46 -8.70
N TRP B 211 13.67 8.93 -9.42
CA TRP B 211 12.90 9.68 -10.41
C TRP B 211 11.54 10.12 -9.89
N MET B 212 11.19 9.65 -8.69
CA MET B 212 9.86 9.86 -8.15
C MET B 212 9.71 11.13 -7.32
N ALA B 213 8.60 11.82 -7.55
CA ALA B 213 8.24 12.99 -6.75
C ALA B 213 8.03 12.61 -5.30
N TRP B 214 8.21 13.58 -4.41
CA TRP B 214 8.11 13.32 -3.00
C TRP B 214 6.75 12.67 -2.62
N GLU B 215 5.65 13.14 -3.22
CA GLU B 215 4.34 12.56 -2.91
C GLU B 215 4.14 11.13 -3.44
N CYS B 216 4.89 10.75 -4.48
CA CYS B 216 4.87 9.35 -4.94
C CYS B 216 5.49 8.45 -3.91
N ILE B 217 6.64 8.87 -3.40
CA ILE B 217 7.35 8.07 -2.42
C ILE B 217 6.56 7.95 -1.13
N LEU B 218 6.08 9.08 -0.62
CA LEU B 218 5.47 9.12 0.70
C LEU B 218 4.02 8.62 0.68
N MET B 219 3.28 8.95 -0.37
CA MET B 219 1.85 8.67 -0.40
C MET B 219 1.35 7.82 -1.56
N GLY B 220 2.25 7.42 -2.45
CA GLY B 220 1.90 6.59 -3.60
C GLY B 220 1.00 7.30 -4.59
N LYS B 221 1.08 8.62 -4.64
CA LYS B 221 0.26 9.41 -5.54
C LYS B 221 1.02 9.63 -6.85
N PHE B 222 0.54 9.00 -7.92
CA PHE B 222 1.12 9.13 -9.25
C PHE B 222 0.19 9.91 -10.17
N THR B 223 0.71 10.99 -10.73
CA THR B 223 -0.06 11.92 -11.53
C THR B 223 0.79 12.45 -12.66
N THR B 224 0.17 13.21 -13.55
CA THR B 224 0.93 13.93 -14.55
C THR B 224 1.95 14.88 -13.89
N ALA B 225 1.56 15.50 -12.78
CA ALA B 225 2.50 16.34 -12.02
C ALA B 225 3.72 15.55 -11.53
N SER B 226 3.55 14.29 -11.14
CA SER B 226 4.71 13.50 -10.79
C SER B 226 5.49 13.04 -12.03
N ASP B 227 4.81 12.81 -13.14
CA ASP B 227 5.52 12.59 -14.41
C ASP B 227 6.39 13.82 -14.77
N VAL B 228 5.91 15.02 -14.47
CA VAL B 228 6.66 16.24 -14.72
C VAL B 228 7.95 16.28 -13.88
N TRP B 229 7.82 15.90 -12.60
CA TRP B 229 8.97 15.78 -11.72
C TRP B 229 9.98 14.79 -12.32
N ALA B 230 9.50 13.64 -12.77
CA ALA B 230 10.37 12.64 -13.42
C ALA B 230 10.99 13.18 -14.70
N PHE B 231 10.24 14.00 -15.43
CA PHE B 231 10.77 14.64 -16.61
C PHE B 231 11.96 15.56 -16.25
N GLY B 232 11.83 16.29 -15.15
CA GLY B 232 12.94 17.10 -14.64
C GLY B 232 14.18 16.26 -14.42
N VAL B 233 14.02 15.09 -13.80
CA VAL B 233 15.15 14.22 -13.54
C VAL B 233 15.71 13.64 -14.85
N THR B 234 14.81 13.32 -15.78
CA THR B 234 15.20 12.80 -17.09
C THR B 234 15.97 13.86 -17.89
N LEU B 235 15.51 15.11 -17.83
CA LEU B 235 16.24 16.21 -18.45
C LEU B 235 17.64 16.39 -17.84
N TRP B 236 17.71 16.28 -16.51
CA TRP B 236 18.97 16.28 -15.81
C TRP B 236 19.88 15.17 -16.34
N GLU B 237 19.37 13.93 -16.46
CA GLU B 237 20.15 12.83 -17.07
C GLU B 237 20.68 13.19 -18.44
N VAL B 238 19.81 13.73 -19.27
CA VAL B 238 20.18 14.07 -20.63
C VAL B 238 21.31 15.09 -20.63
N LEU B 239 21.18 16.13 -19.83
CA LEU B 239 22.19 17.19 -19.77
C LEU B 239 23.51 16.72 -19.12
N MET B 240 23.44 15.62 -18.37
CA MET B 240 24.61 14.96 -17.79
C MET B 240 25.16 13.88 -18.71
N LEU B 241 24.55 13.73 -19.90
CA LEU B 241 24.90 12.67 -20.84
CA LEU B 241 24.88 12.67 -20.85
C LEU B 241 24.93 11.31 -20.15
N CYS B 242 24.00 11.11 -19.23
CA CYS B 242 23.81 9.86 -18.49
C CYS B 242 25.06 9.37 -17.78
N ARG B 243 25.90 10.30 -17.33
CA ARG B 243 27.15 9.96 -16.68
C ARG B 243 27.04 9.74 -15.17
N ALA B 244 25.89 10.04 -14.57
CA ALA B 244 25.75 9.98 -13.13
C ALA B 244 24.33 9.60 -12.76
N GLN B 245 24.16 8.67 -11.82
CA GLN B 245 22.82 8.35 -11.34
C GLN B 245 22.28 9.52 -10.54
N PRO B 246 21.01 9.87 -10.73
CA PRO B 246 20.43 10.94 -9.91
C PRO B 246 20.49 10.60 -8.42
N PHE B 247 20.91 11.59 -7.63
CA PHE B 247 21.15 11.41 -6.19
C PHE B 247 22.17 10.33 -5.89
N GLY B 248 23.19 10.19 -6.75
CA GLY B 248 24.27 9.21 -6.53
C GLY B 248 25.01 9.35 -5.22
N GLN B 249 24.91 10.54 -4.60
CA GLN B 249 25.53 10.80 -3.33
C GLN B 249 24.68 10.27 -2.16
N LEU B 250 23.49 9.76 -2.47
CA LEU B 250 22.55 9.24 -1.46
C LEU B 250 22.25 7.76 -1.66
N THR B 251 22.19 7.01 -0.56
CA THR B 251 21.66 5.64 -0.59
C THR B 251 20.16 5.65 -0.90
N ASP B 252 19.60 4.49 -1.22
CA ASP B 252 18.17 4.38 -1.49
C ASP B 252 17.35 4.86 -0.29
N GLU B 253 17.73 4.46 0.91
CA GLU B 253 17.00 4.92 2.09
C GLU B 253 17.11 6.43 2.28
N GLN B 254 18.27 7.01 1.95
CA GLN B 254 18.43 8.45 2.04
C GLN B 254 17.62 9.22 1.01
N VAL B 255 17.39 8.59 -0.16
CA VAL B 255 16.52 9.16 -1.18
C VAL B 255 15.11 9.26 -0.62
N ILE B 256 14.67 8.21 0.04
CA ILE B 256 13.34 8.21 0.66
C ILE B 256 13.29 9.32 1.74
N GLU B 257 14.35 9.46 2.50
CA GLU B 257 14.44 10.48 3.55
C GLU B 257 14.41 11.88 2.95
N ASN B 258 15.09 12.04 1.83
CA ASN B 258 15.05 13.32 1.11
C ASN B 258 13.63 13.71 0.70
N ALA B 259 12.84 12.73 0.25
CA ALA B 259 11.44 12.96 -0.04
C ALA B 259 10.70 13.48 1.21
N GLY B 260 11.03 12.92 2.38
CA GLY B 260 10.47 13.39 3.62
C GLY B 260 10.77 14.85 3.89
N GLU B 261 11.95 15.29 3.46
CA GLU B 261 12.35 16.68 3.68
C GLU B 261 11.61 17.64 2.72
N PHE B 262 11.32 17.19 1.50
CA PHE B 262 10.38 17.94 0.62
C PHE B 262 9.02 18.10 1.31
N PHE B 263 8.52 17.01 1.90
CA PHE B 263 7.26 17.09 2.64
C PHE B 263 7.35 18.08 3.80
N ARG B 264 8.46 18.04 4.55
CA ARG B 264 8.62 18.96 5.66
C ARG B 264 8.69 20.43 5.21
N ASP B 265 9.32 20.67 4.06
CA ASP B 265 9.32 22.01 3.45
C ASP B 265 10.06 23.03 4.32
N GLN B 266 11.18 22.61 4.89
CA GLN B 266 12.02 23.49 5.69
C GLN B 266 13.34 23.82 5.01
N GLY B 267 13.41 23.54 3.70
CA GLY B 267 14.56 23.88 2.87
C GLY B 267 15.81 23.03 3.08
N ARG B 268 15.65 21.87 3.73
CA ARG B 268 16.78 21.01 4.05
C ARG B 268 17.07 19.98 2.96
N GLN B 269 16.11 19.77 2.09
CA GLN B 269 16.16 18.74 1.03
C GLN B 269 17.29 18.96 0.01
N VAL B 270 17.77 17.88 -0.60
CA VAL B 270 18.75 17.97 -1.69
C VAL B 270 18.05 18.03 -3.04
N TYR B 271 18.46 19.00 -3.87
CA TYR B 271 18.09 19.07 -5.27
C TYR B 271 19.24 18.59 -6.13
N LEU B 272 18.92 17.99 -7.27
CA LEU B 272 19.96 17.65 -8.25
C LEU B 272 20.65 18.96 -8.63
N SER B 273 21.97 18.91 -8.77
CA SER B 273 22.77 20.08 -9.12
C SER B 273 22.67 20.43 -10.60
N ARG B 274 23.01 21.67 -10.92
CA ARG B 274 22.95 22.13 -12.30
C ARG B 274 24.05 21.46 -13.11
N PRO B 275 23.66 20.71 -14.16
CA PRO B 275 24.73 20.16 -15.01
C PRO B 275 25.58 21.24 -15.67
N PRO B 276 26.87 20.97 -15.88
CA PRO B 276 27.74 21.98 -16.50
C PRO B 276 27.19 22.56 -17.79
N ALA B 277 26.53 21.73 -18.59
CA ALA B 277 26.02 22.17 -19.90
C ALA B 277 24.73 22.94 -19.84
N CYS B 278 24.13 23.00 -18.66
CA CYS B 278 22.78 23.50 -18.51
C CYS B 278 22.80 24.97 -18.13
N PRO B 279 22.19 25.84 -18.95
CA PRO B 279 22.13 27.24 -18.53
C PRO B 279 21.22 27.43 -17.32
N GLN B 280 21.45 28.52 -16.60
CA GLN B 280 20.66 28.79 -15.39
C GLN B 280 19.14 28.73 -15.61
N GLY B 281 18.62 29.29 -16.71
CA GLY B 281 17.18 29.30 -16.95
C GLY B 281 16.60 27.92 -17.16
N LEU B 282 17.35 27.05 -17.80
CA LEU B 282 16.91 25.68 -18.03
C LEU B 282 16.94 24.93 -16.68
N TYR B 283 17.95 25.21 -15.87
CA TYR B 283 18.03 24.64 -14.53
C TYR B 283 16.84 25.06 -13.68
N GLU B 284 16.44 26.33 -13.81
CA GLU B 284 15.28 26.83 -13.05
C GLU B 284 13.96 26.19 -13.54
N LEU B 285 13.88 25.85 -14.82
CA LEU B 285 12.78 25.04 -15.36
C LEU B 285 12.72 23.70 -14.61
N MET B 286 13.88 23.07 -14.50
CA MET B 286 13.98 21.81 -13.78
C MET B 286 13.55 22.00 -12.31
N LEU B 287 14.01 23.05 -11.67
CA LEU B 287 13.59 23.34 -10.29
C LEU B 287 12.07 23.48 -10.21
N ARG B 288 11.46 24.09 -11.22
CA ARG B 288 9.98 24.22 -11.24
C ARG B 288 9.30 22.84 -11.37
N CYS B 289 9.91 21.92 -12.13
CA CYS B 289 9.42 20.53 -12.19
C CYS B 289 9.48 19.86 -10.83
N TRP B 290 10.35 20.37 -9.95
CA TRP B 290 10.54 19.81 -8.63
C TRP B 290 9.88 20.64 -7.54
N SER B 291 8.90 21.46 -7.92
CA SER B 291 8.10 22.24 -6.99
C SER B 291 7.43 21.33 -5.98
N ARG B 292 7.43 21.73 -4.72
CA ARG B 292 6.76 20.95 -3.69
C ARG B 292 5.29 20.70 -4.05
N GLU B 293 4.59 21.74 -4.47
CA GLU B 293 3.18 21.64 -4.85
C GLU B 293 3.01 21.22 -6.30
N SER B 294 2.21 20.17 -6.52
CA SER B 294 1.97 19.67 -7.89
CA SER B 294 1.95 19.68 -7.88
C SER B 294 1.48 20.78 -8.82
N GLU B 295 0.59 21.63 -8.32
CA GLU B 295 -0.02 22.68 -9.16
C GLU B 295 1.00 23.74 -9.60
N GLN B 296 2.17 23.76 -8.98
CA GLN B 296 3.21 24.71 -9.40
C GLN B 296 4.15 24.13 -10.45
N ARG B 297 4.00 22.84 -10.76
CA ARG B 297 4.87 22.21 -11.75
C ARG B 297 4.34 22.52 -13.14
N PRO B 298 5.25 22.79 -14.10
CA PRO B 298 4.78 23.21 -15.42
C PRO B 298 4.14 22.04 -16.15
N PRO B 299 3.08 22.29 -16.92
CA PRO B 299 2.53 21.23 -17.76
C PRO B 299 3.47 20.86 -18.90
N PHE B 300 3.28 19.68 -19.47
CA PHE B 300 4.14 19.25 -20.56
C PHE B 300 4.08 20.17 -21.79
N SER B 301 2.93 20.77 -22.05
CA SER B 301 2.77 21.75 -23.14
C SER B 301 3.78 22.90 -22.95
N GLN B 302 3.91 23.36 -21.71
CA GLN B 302 4.83 24.46 -21.36
C GLN B 302 6.28 24.02 -21.40
N LEU B 303 6.55 22.80 -20.90
CA LEU B 303 7.91 22.23 -20.95
C LEU B 303 8.39 22.10 -22.39
N HIS B 304 7.53 21.55 -23.25
CA HIS B 304 7.88 21.43 -24.66
C HIS B 304 8.14 22.81 -25.29
N ARG B 305 7.25 23.76 -25.01
CA ARG B 305 7.41 25.10 -25.57
C ARG B 305 8.72 25.73 -25.11
N PHE B 306 9.07 25.56 -23.84
CA PHE B 306 10.31 26.16 -23.31
C PHE B 306 11.53 25.56 -24.02
N LEU B 307 11.52 24.23 -24.16
CA LEU B 307 12.64 23.54 -24.82
C LEU B 307 12.74 23.85 -26.31
N ALA B 308 11.61 23.78 -27.03
CA ALA B 308 11.60 23.99 -28.47
C ALA B 308 11.80 25.45 -28.88
N GLU B 309 11.44 26.38 -28.00
CA GLU B 309 11.53 27.79 -28.31
C GLU B 309 12.61 28.44 -27.44
N ASP B 310 12.27 28.78 -26.20
CA ASP B 310 13.17 29.55 -25.35
C ASP B 310 14.60 29.03 -25.27
N ALA B 311 14.76 27.74 -24.94
CA ALA B 311 16.10 27.18 -24.76
C ALA B 311 16.86 27.11 -26.10
N LEU B 312 16.19 26.62 -27.14
CA LEU B 312 16.83 26.53 -28.44
C LEU B 312 17.12 27.92 -29.04
N ASN B 313 16.31 28.93 -28.69
CA ASN B 313 16.54 30.30 -29.18
C ASN B 313 17.63 31.03 -28.44
N THR B 314 18.20 30.44 -27.39
CA THR B 314 19.18 31.13 -26.56
C THR B 314 20.49 30.36 -26.45
N VAL B 315 20.76 29.53 -27.46
CA VAL B 315 22.07 28.90 -27.55
C VAL B 315 23.16 29.96 -27.79
C1 STI C . -21.24 -9.61 21.78
C6 STI C . -20.52 -10.03 20.66
C5 STI C . -19.75 -11.19 20.75
C4 STI C . -19.69 -11.83 22.01
N3 STI C . -20.39 -11.40 23.05
C2 STI C . -21.14 -10.31 22.98
C7 STI C . -18.95 -11.66 19.68
C12 STI C . -19.04 -11.18 18.33
C11 STI C . -18.16 -11.70 17.37
N10 STI C . -17.26 -12.67 17.70
C9 STI C . -17.24 -13.07 18.96
N8 STI C . -18.03 -12.61 19.92
N13 STI C . -16.29 -14.05 19.34
C14 STI C . -15.36 -14.62 18.40
C19 STI C . -15.71 -15.72 17.58
C18 STI C . -14.78 -16.29 16.74
C17 STI C . -13.50 -15.75 16.68
C16 STI C . -13.15 -14.64 17.46
C15 STI C . -14.06 -14.08 18.37
N21 STI C . -11.80 -14.19 17.39
C22 STI C . -11.24 -13.13 18.18
C23 STI C . -9.74 -12.92 17.99
C25 STI C . -9.07 -13.30 16.81
C26 STI C . -7.69 -13.10 16.70
C27 STI C . -7.02 -12.53 17.78
C28 STI C . -7.65 -12.16 18.95
C29 STI C . -9.04 -12.37 19.09
C46 STI C . -5.52 -12.31 17.67
N48 STI C . -5.16 -11.75 16.38
C53 STI C . -3.73 -11.59 16.07
C52 STI C . -3.43 -11.18 14.67
N51 STI C . -4.10 -9.92 14.32
C54 STI C . -3.79 -9.42 12.95
C50 STI C . -5.56 -9.99 14.63
C49 STI C . -5.90 -10.51 16.05
O29 STI C . -11.85 -12.40 18.92
C20 STI C . -17.13 -16.30 17.65
C1 EDO D . -20.17 -5.38 35.78
O1 EDO D . -21.34 -6.06 36.24
C2 EDO D . -19.76 -5.96 34.45
O2 EDO D . -19.16 -7.25 34.63
C1 EDO E . -3.75 9.81 13.01
O1 EDO E . -4.33 10.93 13.65
C2 EDO E . -2.43 9.48 13.69
O2 EDO E . -1.65 8.64 12.85
C1 EDO F . 7.78 4.07 12.80
O1 EDO F . 8.74 3.65 11.82
C2 EDO F . 8.40 4.98 13.84
O2 EDO F . 9.31 4.22 14.66
C1 EDO G . 5.60 -5.53 24.65
O1 EDO G . 5.04 -4.21 24.53
C2 EDO G . 5.08 -6.33 25.85
O2 EDO G . 5.32 -5.70 27.12
C1 EDO H . -4.99 -5.99 35.33
O1 EDO H . -4.38 -5.46 36.51
C2 EDO H . -5.32 -7.46 35.55
O2 EDO H . -5.16 -8.19 34.33
C1 EDO I . 6.56 -0.35 22.43
O1 EDO I . 7.97 -0.23 22.56
C2 EDO I . 6.15 -1.76 22.06
O2 EDO I . 6.70 -2.74 22.95
C1 EDO J . -2.83 11.07 19.00
O1 EDO J . -3.57 11.60 20.08
C2 EDO J . -3.46 9.80 18.43
O2 EDO J . -3.40 9.86 17.00
C1 EDO K . -19.44 -36.38 27.35
O1 EDO K . -19.05 -37.73 27.58
C2 EDO K . -19.47 -35.64 28.68
O2 EDO K . -20.44 -36.30 29.52
C1 EDO L . -10.59 -9.54 37.15
O1 EDO L . -9.58 -8.54 36.91
C2 EDO L . -12.00 -9.00 36.94
O2 EDO L . -12.21 -7.68 37.44
C1 EDO M . 0.11 -1.15 -18.11
O1 EDO M . -0.02 -0.05 -17.20
C2 EDO M . -1.09 -2.07 -17.97
O2 EDO M . -0.67 -3.37 -17.52
C1 STI N . 16.06 -1.95 -27.20
C6 STI N . 15.01 -2.38 -26.39
C5 STI N . 13.72 -2.44 -26.95
C4 STI N . 13.57 -2.04 -28.30
N3 STI N . 14.59 -1.65 -29.02
C2 STI N . 15.82 -1.58 -28.51
C7 STI N . 12.61 -2.86 -26.22
C12 STI N . 12.71 -3.49 -24.95
C11 STI N . 11.53 -3.88 -24.29
N10 STI N . 10.33 -3.63 -24.89
C9 STI N . 10.29 -3.05 -26.09
N8 STI N . 11.37 -2.65 -26.75
N13 STI N . 9.04 -2.76 -26.73
C14 STI N . 7.76 -3.01 -26.11
C19 STI N . 7.14 -4.27 -26.30
C18 STI N . 5.88 -4.51 -25.72
C17 STI N . 5.28 -3.50 -24.95
C16 STI N . 5.93 -2.26 -24.75
C15 STI N . 7.16 -2.01 -25.37
N21 STI N . 5.21 -1.26 -24.03
C22 STI N . 5.63 0.13 -23.82
C23 STI N . 4.64 1.02 -23.13
C25 STI N . 3.59 0.53 -22.33
C26 STI N . 2.67 1.40 -21.75
C27 STI N . 2.79 2.78 -21.95
C28 STI N . 3.81 3.29 -22.75
C29 STI N . 4.73 2.42 -23.34
C46 STI N . 1.81 3.72 -21.32
N48 STI N . 1.49 3.44 -19.92
C53 STI N . 0.51 4.26 -19.19
C52 STI N . 0.15 3.72 -17.85
N51 STI N . 1.34 3.66 -16.98
C54 STI N . 1.09 3.39 -15.54
C50 STI N . 2.37 2.84 -17.65
C49 STI N . 2.71 3.27 -19.09
O29 STI N . 6.71 0.54 -24.19
C20 STI N . 7.85 -5.32 -27.15
C1 EDO O . 23.88 28.31 -23.11
O1 EDO O . 23.83 29.47 -22.27
C2 EDO O . 24.69 28.63 -24.33
O2 EDO O . 24.51 27.56 -25.25
C1 EDO P . 25.33 26.98 -19.85
O1 EDO P . 25.05 28.39 -19.78
C2 EDO P . 26.74 26.69 -20.33
O2 EDO P . 26.82 26.90 -21.73
C1 EDO Q . 25.81 32.64 -30.61
O1 EDO Q . 27.06 32.07 -30.19
C2 EDO Q . 25.07 33.26 -29.44
O2 EDO Q . 25.36 32.63 -28.19
C1 EDO R . -0.15 18.32 -20.43
O1 EDO R . 0.32 19.50 -21.08
C2 EDO R . -0.24 18.52 -18.93
O2 EDO R . 1.08 18.37 -18.37
C1 EDO S . 1.57 18.30 -3.49
O1 EDO S . 0.99 19.04 -4.57
C2 EDO S . 1.68 16.82 -3.84
O2 EDO S . 0.40 16.22 -3.62
C1 EDO T . 21.59 9.09 -34.42
O1 EDO T . 21.88 8.62 -35.74
C2 EDO T . 20.34 8.40 -33.89
O2 EDO T . 19.25 8.54 -34.83
C1 EDO U . 13.33 11.42 -4.11
O1 EDO U . 13.74 11.00 -5.41
C2 EDO U . 14.11 12.61 -3.58
O2 EDO U . 15.52 12.38 -3.54
C1 EDO V . -3.24 9.24 -6.80
O1 EDO V . -3.44 10.52 -7.38
C2 EDO V . -3.00 8.23 -7.92
O2 EDO V . -1.89 7.35 -7.65
C1 EDO W . 25.98 7.88 2.12
O1 EDO W . 25.12 7.91 0.97
C2 EDO W . 26.19 9.30 2.63
O2 EDO W . 25.62 9.40 3.94
#